data_6OE5
#
_entry.id   6OE5
#
_cell.length_a   219.837
_cell.length_b   219.837
_cell.length_c   68.811
_cell.angle_alpha   90.000
_cell.angle_beta   90.000
_cell.angle_gamma   120.000
#
_symmetry.space_group_name_H-M   'P 61'
#
loop_
_entity.id
_entity.type
_entity.pdbx_description
1 polymer 'Fusion glycoprotein F0,Fibritin'
2 polymer 'Motavizumab Fab Heavy Chain'
3 polymer 'Motavizumab Fab Light Chain'
4 polymer 'CR9501 Fab Heavy Chain'
5 polymer 'CR9501 Fab Light Chain'
#
loop_
_entity_poly.entity_id
_entity_poly.type
_entity_poly.pdbx_seq_one_letter_code
_entity_poly.pdbx_strand_id
1 'polypeptide(L)'
;MELLILKANAITTILTAVTFCFASGQNITEEFYQSTCSAVSKGYLSALRTGWYTSVITIELSNIKEIKCNGTDAKVKLIK
QELDKYKNAVTELQLLMQSTPPTNNRARRELPRFMNYTLNNAKKTNVTLSKKRKRRFLGFLLGVGSAIASGVAVSKVLHL
EGEVNKIKSALLSTNKAVVSLSNGVSVLTSKVLDLKNYIDKQLLPIVNKQSCSIPNIETVIEFQQKNNRLLEITREFSVN
AGVTTPVSTYMLTNSELLSLINDMPITNDQKKLMSNNVQIVRQQSYSIMSIIKEEVLAYVVQLPLYGVIDTPCWKLHTSP
LCTTNTKEGSNICLTRTDRGWYCDNAGSVSFFPQAETCKVQSNRVFCDTMNSLTLPSEINLCNVDIFNPKYDCKIMTSKT
DVSSSVITSLGAIVSCYGKTKCTASNKNRGIIKTFSNGCDYVSNKGMDTVSVGNTLYYVNKQEGKSLYVKGEPIINFYDP
LVFPSDEFDASISQVNEKINQSLAFIRKSDELLSAIGGYIPEAPRDGQAYVRKDGEWVLLSTFLGSLEVLFQG
;
A
2 'polypeptide(L)'
;QVTLRESGPALVKPTQTLTLTCTFSGFSLSTAGMSVGWIRQPPGKALEWLADIWWDDKKHYNPSLKDRLTISKDTSKNQV
VLKVTNMDPADTATYYCARDMIFNFYFDVWGQGTTVTVSSASTKGPSVFPLAPSSKSTSGGTAALGCLVKDYFPEPVTVS
WNSGALTSGVHTFPAVLQSSGLYSLSSVVTVPSSSLGTQTYICNVNHKPSNTKVDKKVEPKSCDK
;
B
3 'polypeptide(L)'
;DIQMTQSPSTLSASVGDRVTITCSASSRVGYMHWYQQKPGKAPKLLIYDTSKLASGVPSRFSGSGSGTEFTLTISSLQPD
DFATYYCFQGSGYPFTFGGGTKVEIKRTVAAPSVFIFPPSDEQLKSGTASVVCLLNNFYPREAKVQWKVDNALQSGNSQE
SVTEQDSKDSTYSLSSTLTLSKADYEKHKVYACEVTHQGLSSPVTKSFNRGEC
;
C
4 'polypeptide(L)'
;QVQLVQSGPGLVKPSQTLALTCTVSGASINSDNYYWTWIRQRPGGGLEWIGHISYTGNTYYTPSLKSRLSMSLETSQSQF
SLRLTSVTAADSAVYFCAACGAYVLISNCGWFDSWGQGTQVTVSSASTKGPSVFPLAPSSKSTSGGTAALGCLVKDYFPE
PVTVSWNSGALTSGVHTFPAVLQSSGLYSLSSVVTVPSSSLGTQTYICNVNHKPSNTKVDKRVEPKSCDK
;
H
5 'polypeptide(L)'
;EIVMTQSPSSLSASIGDRVTITCQASQDISTYLNWYQQKPGQAPRLLIYGASNLETGVPSRFTGSGYGTDFSVTISSLQP
EDIATYYCQQYQYLPYTFAPGTKVEIKRTVAAPSVFIFPPSDEQLKSGTASVVCLLNNFYPREAKVQWKVDNALQSGNSQ
ESVTEQDSKDSTYSLSSTLTLSKADYEKHKVYACEVTHQGLSSPVTKSFNRGEC
;
L
#
# COMPACT_ATOMS: atom_id res chain seq x y z
N TYR A 44 30.55 14.68 -33.83
CA TYR A 44 29.28 14.88 -33.15
C TYR A 44 28.51 13.57 -33.05
N LEU A 45 27.96 13.29 -31.88
CA LEU A 45 27.12 12.12 -31.67
C LEU A 45 25.68 12.48 -32.04
N SER A 46 24.72 11.67 -31.61
CA SER A 46 23.35 11.86 -32.05
C SER A 46 22.40 11.36 -30.98
N ALA A 47 21.12 11.71 -31.15
CA ALA A 47 20.03 11.28 -30.28
C ALA A 47 18.71 11.60 -30.95
N LEU A 48 18.42 10.93 -32.07
CA LEU A 48 17.25 11.25 -32.88
C LEU A 48 16.04 10.43 -32.43
N ARG A 49 14.86 11.06 -32.52
CA ARG A 49 13.61 10.43 -32.13
C ARG A 49 13.04 9.59 -33.27
N THR A 50 12.50 8.42 -32.93
CA THR A 50 11.86 7.54 -33.90
C THR A 50 10.41 7.24 -33.58
N GLY A 51 10.02 7.20 -32.31
CA GLY A 51 8.64 6.95 -31.94
C GLY A 51 8.18 7.76 -30.75
N TRP A 52 7.00 7.45 -30.24
CA TRP A 52 6.43 8.12 -29.08
C TRP A 52 6.14 7.08 -28.00
N TYR A 53 6.59 7.36 -26.78
CA TYR A 53 6.23 6.53 -25.64
C TYR A 53 5.00 7.16 -24.97
N THR A 54 3.89 6.44 -25.05
CA THR A 54 2.64 6.90 -24.44
C THR A 54 2.50 6.34 -23.04
N SER A 55 1.90 7.13 -22.16
CA SER A 55 1.70 6.73 -20.77
C SER A 55 0.56 7.56 -20.18
N VAL A 56 -0.10 6.99 -19.18
CA VAL A 56 -1.23 7.64 -18.51
C VAL A 56 -0.81 7.97 -17.08
N ILE A 57 -0.90 9.25 -16.73
CA ILE A 57 -0.58 9.72 -15.38
C ILE A 57 -1.88 10.07 -14.68
N THR A 58 -2.06 9.51 -13.48
CA THR A 58 -3.29 9.69 -12.72
C THR A 58 -3.02 10.37 -11.39
N ILE A 59 -3.98 11.18 -10.94
CA ILE A 59 -3.93 11.86 -9.66
C ILE A 59 -5.28 11.60 -8.99
N GLU A 60 -5.33 10.62 -8.09
CA GLU A 60 -6.60 10.20 -7.50
C GLU A 60 -7.14 11.31 -6.61
N LEU A 61 -8.28 11.88 -7.00
CA LEU A 61 -8.91 12.94 -6.23
C LEU A 61 -9.90 12.34 -5.23
N SER A 62 -10.46 13.22 -4.39
CA SER A 62 -11.38 12.79 -3.35
C SER A 62 -12.66 13.62 -3.40
N ASN A 63 -13.79 12.93 -3.28
CA ASN A 63 -15.09 13.59 -3.22
C ASN A 63 -15.24 14.32 -1.89
N ILE A 64 -15.94 15.45 -1.92
CA ILE A 64 -16.16 16.28 -0.75
C ILE A 64 -17.65 16.39 -0.49
N LYS A 65 -18.05 16.18 0.76
CA LYS A 65 -19.43 16.23 1.21
C LYS A 65 -19.67 17.56 1.91
N GLU A 66 -20.69 17.63 2.75
CA GLU A 66 -20.96 18.86 3.49
C GLU A 66 -19.87 19.08 4.54
N ILE A 67 -19.35 20.30 4.61
CA ILE A 67 -18.18 20.61 5.42
C ILE A 67 -18.38 21.83 6.32
N LYS A 68 -19.53 22.48 6.28
CA LYS A 68 -19.74 23.71 7.03
C LYS A 68 -19.74 23.42 8.53
N CYS A 69 -18.81 24.04 9.25
CA CYS A 69 -18.73 23.87 10.70
C CYS A 69 -18.79 25.22 11.41
N ALA A 74 -9.62 30.51 13.48
CA ALA A 74 -8.22 30.93 13.51
C ALA A 74 -7.35 29.96 12.73
N LYS A 75 -7.09 28.79 13.33
CA LYS A 75 -6.31 27.77 12.64
C LYS A 75 -7.10 27.15 11.50
N VAL A 76 -8.43 27.06 11.63
CA VAL A 76 -9.28 26.57 10.55
C VAL A 76 -9.61 27.66 9.53
N LYS A 77 -9.19 28.90 9.79
CA LYS A 77 -9.44 29.98 8.83
C LYS A 77 -8.69 29.73 7.53
N LEU A 78 -7.45 29.23 7.63
CA LEU A 78 -6.66 28.95 6.44
C LEU A 78 -7.00 27.60 5.81
N ILE A 79 -7.72 26.74 6.51
CA ILE A 79 -8.10 25.45 5.94
C ILE A 79 -9.16 25.64 4.86
N LYS A 80 -10.25 26.34 5.18
CA LYS A 80 -11.32 26.52 4.22
C LYS A 80 -10.92 27.44 3.07
N GLN A 81 -9.83 28.20 3.21
CA GLN A 81 -9.38 29.05 2.11
C GLN A 81 -8.64 28.23 1.07
N GLU A 82 -7.71 27.37 1.50
CA GLU A 82 -7.09 26.41 0.59
C GLU A 82 -8.07 25.33 0.15
N LEU A 83 -9.21 25.21 0.85
CA LEU A 83 -10.26 24.31 0.41
C LEU A 83 -11.07 24.89 -0.74
N ASP A 84 -11.26 26.21 -0.75
CA ASP A 84 -11.97 26.85 -1.86
C ASP A 84 -11.13 26.84 -3.14
N LYS A 85 -9.81 26.85 -3.01
CA LYS A 85 -8.95 26.74 -4.19
C LYS A 85 -9.04 25.35 -4.81
N TYR A 86 -9.16 24.31 -3.96
CA TYR A 86 -9.34 22.96 -4.47
C TYR A 86 -10.68 22.83 -5.20
N LYS A 87 -11.72 23.46 -4.66
CA LYS A 87 -13.01 23.47 -5.35
C LYS A 87 -12.92 24.28 -6.64
N ASN A 88 -12.25 25.45 -6.59
CA ASN A 88 -12.14 26.28 -7.78
C ASN A 88 -11.24 25.65 -8.84
N ALA A 89 -10.38 24.71 -8.46
CA ALA A 89 -9.49 24.07 -9.42
C ALA A 89 -10.10 22.83 -10.06
N VAL A 90 -10.89 22.06 -9.31
CA VAL A 90 -11.49 20.85 -9.87
C VAL A 90 -12.62 21.21 -10.83
N THR A 91 -13.32 22.32 -10.58
CA THR A 91 -14.36 22.75 -11.51
C THR A 91 -13.77 23.35 -12.78
N GLU A 92 -12.58 23.92 -12.71
CA GLU A 92 -11.94 24.47 -13.90
C GLU A 92 -11.48 23.35 -14.83
N LEU A 93 -11.21 22.17 -14.28
CA LEU A 93 -10.83 21.02 -15.10
C LEU A 93 -12.03 20.44 -15.83
N GLN A 94 -13.18 20.36 -15.15
CA GLN A 94 -14.37 19.78 -15.77
C GLN A 94 -14.90 20.67 -16.88
N LEU A 95 -14.89 21.99 -16.68
CA LEU A 95 -15.35 22.90 -17.72
C LEU A 95 -14.41 22.91 -18.91
N LEU A 96 -13.11 22.69 -18.67
CA LEU A 96 -12.17 22.56 -19.78
C LEU A 96 -12.43 21.30 -20.58
N MET A 97 -12.89 20.24 -19.92
CA MET A 97 -13.16 18.97 -20.59
C MET A 97 -14.37 19.04 -21.51
N GLN A 98 -15.20 20.09 -21.41
CA GLN A 98 -16.43 20.17 -22.20
C GLN A 98 -16.16 20.35 -23.69
N SER A 99 -14.99 20.87 -24.06
CA SER A 99 -14.65 21.04 -25.47
C SER A 99 -13.96 19.80 -26.00
N THR A 100 -14.39 19.33 -27.17
CA THR A 100 -13.85 18.12 -27.78
C THR A 100 -12.39 18.29 -28.16
N SER A 146 -1.08 17.27 -36.24
CA SER A 146 -1.18 15.82 -36.15
C SER A 146 0.13 15.22 -35.65
N ALA A 147 0.80 15.94 -34.75
CA ALA A 147 2.10 15.50 -34.28
C ALA A 147 1.99 14.55 -33.10
N ILE A 148 0.93 14.65 -32.31
CA ILE A 148 0.76 13.83 -31.11
C ILE A 148 -0.37 12.84 -31.31
N ALA A 149 -0.53 12.34 -32.54
CA ALA A 149 -1.67 11.50 -32.88
C ALA A 149 -1.68 10.22 -32.05
N SER A 150 -0.51 9.63 -31.83
CA SER A 150 -0.44 8.38 -31.08
C SER A 150 -0.77 8.56 -29.61
N GLY A 151 -0.65 9.78 -29.09
CA GLY A 151 -0.94 10.05 -27.69
C GLY A 151 -2.39 10.35 -27.42
N VAL A 152 -3.02 11.18 -28.27
CA VAL A 152 -4.41 11.56 -28.06
C VAL A 152 -5.35 10.38 -28.24
N ALA A 153 -4.92 9.35 -28.99
CA ALA A 153 -5.77 8.18 -29.19
C ALA A 153 -6.14 7.53 -27.86
N VAL A 154 -5.21 7.54 -26.90
CA VAL A 154 -5.50 6.96 -25.59
C VAL A 154 -6.51 7.83 -24.85
N SER A 155 -6.43 9.15 -25.02
CA SER A 155 -7.33 10.05 -24.31
C SER A 155 -8.79 9.87 -24.72
N LYS A 156 -9.04 9.33 -25.91
CA LYS A 156 -10.41 9.05 -26.32
C LYS A 156 -10.85 7.63 -26.00
N VAL A 157 -9.93 6.76 -25.60
CA VAL A 157 -10.32 5.44 -25.11
C VAL A 157 -10.65 5.50 -23.62
N LEU A 158 -10.05 6.44 -22.89
CA LEU A 158 -10.39 6.60 -21.48
C LEU A 158 -11.81 7.12 -21.29
N HIS A 159 -12.37 7.80 -22.29
CA HIS A 159 -13.75 8.27 -22.19
C HIS A 159 -14.76 7.14 -22.12
N LEU A 160 -14.38 5.94 -22.55
CA LEU A 160 -15.31 4.81 -22.52
C LEU A 160 -15.66 4.46 -21.08
N GLU A 161 -16.88 3.95 -20.90
CA GLU A 161 -17.35 3.59 -19.57
C GLU A 161 -16.55 2.41 -19.02
N GLY A 162 -16.41 2.38 -17.71
CA GLY A 162 -15.70 1.31 -17.03
C GLY A 162 -14.18 1.34 -17.19
N GLU A 163 -13.66 2.05 -18.19
CA GLU A 163 -12.20 2.12 -18.34
C GLU A 163 -11.57 2.82 -17.14
N VAL A 164 -12.23 3.84 -16.61
CA VAL A 164 -11.73 4.50 -15.41
C VAL A 164 -11.71 3.54 -14.25
N ASN A 165 -12.69 2.63 -14.19
CA ASN A 165 -12.70 1.62 -13.14
C ASN A 165 -11.53 0.68 -13.26
N LYS A 166 -11.08 0.40 -14.50
CA LYS A 166 -9.89 -0.44 -14.68
C LYS A 166 -8.66 0.21 -14.05
N ILE A 167 -8.49 1.52 -14.27
CA ILE A 167 -7.30 2.20 -13.77
C ILE A 167 -7.42 2.47 -12.28
N LYS A 168 -8.57 2.99 -11.84
CA LYS A 168 -8.75 3.32 -10.44
C LYS A 168 -8.54 2.10 -9.54
N SER A 169 -8.86 0.91 -10.03
CA SER A 169 -8.65 -0.29 -9.24
C SER A 169 -7.22 -0.84 -9.43
N ALA A 170 -6.60 -0.57 -10.58
CA ALA A 170 -5.24 -1.04 -10.79
C ALA A 170 -4.27 -0.42 -9.79
N LEU A 171 -4.44 0.87 -9.52
CA LEU A 171 -3.60 1.59 -8.58
C LEU A 171 -4.19 1.55 -7.17
N LEU A 172 -4.55 0.35 -6.73
CA LEU A 172 -5.17 0.19 -5.43
C LEU A 172 -4.14 0.21 -4.32
N SER A 173 -3.12 -0.64 -4.40
CA SER A 173 -2.09 -0.73 -3.38
C SER A 173 -0.77 -0.09 -3.77
N THR A 174 -0.59 0.27 -5.05
CA THR A 174 0.66 0.89 -5.48
C THR A 174 0.42 2.09 -6.39
N ASN A 175 1.48 2.58 -7.03
CA ASN A 175 1.43 3.77 -7.86
C ASN A 175 1.92 3.51 -9.28
N LYS A 176 1.95 2.26 -9.71
CA LYS A 176 2.44 1.92 -11.05
C LYS A 176 1.75 0.65 -11.51
N ALA A 177 1.00 0.74 -12.60
CA ALA A 177 0.25 -0.40 -13.11
C ALA A 177 0.19 -0.34 -14.63
N VAL A 178 0.14 -1.52 -15.24
CA VAL A 178 -0.05 -1.65 -16.69
C VAL A 178 -1.37 -2.37 -16.93
N VAL A 179 -2.21 -1.79 -17.78
CA VAL A 179 -3.58 -2.27 -17.99
C VAL A 179 -3.79 -2.50 -19.48
N SER A 180 -4.38 -3.64 -19.82
CA SER A 180 -4.80 -3.91 -21.19
C SER A 180 -6.16 -3.27 -21.42
N LEU A 181 -6.20 -2.24 -22.24
CA LEU A 181 -7.43 -1.50 -22.48
C LEU A 181 -8.37 -2.32 -23.36
N SER A 182 -9.46 -1.68 -23.80
CA SER A 182 -10.39 -2.33 -24.72
C SER A 182 -9.70 -2.66 -26.05
N ASN A 183 -8.74 -1.84 -26.46
CA ASN A 183 -8.02 -2.06 -27.71
C ASN A 183 -6.97 -3.17 -27.59
N GLY A 184 -6.81 -3.76 -26.42
CA GLY A 184 -5.81 -4.79 -26.23
C GLY A 184 -4.40 -4.26 -26.02
N VAL A 185 -4.17 -2.97 -26.18
CA VAL A 185 -2.87 -2.38 -25.93
C VAL A 185 -2.68 -2.20 -24.43
N SER A 186 -1.49 -2.55 -23.94
CA SER A 186 -1.14 -2.42 -22.54
C SER A 186 -0.39 -1.10 -22.35
N VAL A 187 -1.01 -0.16 -21.67
CA VAL A 187 -0.38 1.12 -21.39
C VAL A 187 0.08 1.14 -19.94
N LEU A 188 1.14 1.90 -19.67
CA LEU A 188 1.68 2.04 -18.33
C LEU A 188 0.98 3.19 -17.63
N THR A 189 0.56 2.95 -16.39
CA THR A 189 -0.17 3.95 -15.62
C THR A 189 0.51 4.16 -14.28
N SER A 190 0.74 5.42 -13.93
CA SER A 190 1.42 5.77 -12.69
C SER A 190 0.54 6.73 -11.90
N LYS A 191 0.30 6.41 -10.63
CA LYS A 191 -0.51 7.24 -9.74
C LYS A 191 0.45 8.17 -8.98
N VAL A 192 0.58 9.40 -9.46
CA VAL A 192 1.53 10.35 -8.89
C VAL A 192 1.09 10.76 -7.48
N LEU A 193 -0.06 11.42 -7.38
CA LEU A 193 -0.57 11.91 -6.12
C LEU A 193 -1.78 11.10 -5.69
N ASP A 194 -2.01 11.06 -4.37
CA ASP A 194 -3.14 10.33 -3.79
C ASP A 194 -3.94 11.29 -2.91
N LEU A 195 -4.66 12.22 -3.55
CA LEU A 195 -5.53 13.12 -2.81
C LEU A 195 -6.75 12.41 -2.24
N LYS A 196 -7.10 11.24 -2.78
CA LYS A 196 -8.21 10.48 -2.23
C LYS A 196 -7.92 9.99 -0.82
N ASN A 197 -6.66 9.66 -0.53
CA ASN A 197 -6.30 9.19 0.80
C ASN A 197 -6.07 10.35 1.76
N TYR A 198 -5.42 11.43 1.30
CA TYR A 198 -5.05 12.50 2.22
C TYR A 198 -6.26 13.26 2.75
N ILE A 199 -7.35 13.29 2.00
CA ILE A 199 -8.52 14.05 2.42
C ILE A 199 -9.42 13.23 3.33
N ASP A 200 -9.67 11.97 3.02
CA ASP A 200 -10.54 11.15 3.84
C ASP A 200 -9.85 10.65 5.11
N LYS A 201 -8.52 10.67 5.16
CA LYS A 201 -7.80 10.19 6.33
C LYS A 201 -7.54 11.27 7.36
N GLN A 202 -7.30 12.51 6.93
CA GLN A 202 -6.84 13.57 7.83
C GLN A 202 -7.85 14.69 8.02
N LEU A 203 -8.82 14.85 7.13
CA LEU A 203 -9.77 15.96 7.21
C LEU A 203 -11.17 15.55 7.63
N LEU A 204 -11.51 14.27 7.55
CA LEU A 204 -12.79 13.82 8.08
C LEU A 204 -12.94 14.05 9.59
N PRO A 205 -11.94 13.79 10.44
CA PRO A 205 -12.16 14.02 11.88
C PRO A 205 -12.36 15.48 12.24
N ILE A 206 -11.56 16.39 11.70
CA ILE A 206 -11.59 17.78 12.15
C ILE A 206 -12.83 18.49 11.61
N VAL A 207 -13.06 18.40 10.29
CA VAL A 207 -14.14 19.14 9.67
C VAL A 207 -15.49 18.53 10.05
N ASN A 208 -15.63 17.22 9.87
CA ASN A 208 -16.88 16.54 10.15
C ASN A 208 -16.98 16.16 11.62
N PRO A 215 -7.73 21.95 15.11
CA PRO A 215 -6.76 21.41 14.15
C PRO A 215 -5.34 21.93 14.40
N ASN A 216 -4.37 21.03 14.42
CA ASN A 216 -2.97 21.44 14.60
C ASN A 216 -2.52 22.29 13.42
N ILE A 217 -1.69 23.30 13.72
CA ILE A 217 -1.18 24.19 12.68
C ILE A 217 -0.12 23.49 11.82
N GLU A 218 0.48 22.41 12.31
CA GLU A 218 1.45 21.68 11.51
C GLU A 218 0.80 20.95 10.34
N THR A 219 -0.44 20.48 10.53
CA THR A 219 -1.12 19.75 9.45
C THR A 219 -1.53 20.66 8.31
N VAL A 220 -1.78 21.94 8.59
CA VAL A 220 -2.22 22.86 7.54
C VAL A 220 -1.09 23.16 6.57
N ILE A 221 0.16 23.02 7.01
CA ILE A 221 1.30 23.43 6.19
C ILE A 221 1.45 22.51 4.98
N GLU A 222 1.53 21.20 5.22
CA GLU A 222 1.80 20.25 4.13
C GLU A 222 0.66 20.21 3.11
N PHE A 223 -0.58 20.48 3.54
CA PHE A 223 -1.70 20.39 2.63
C PHE A 223 -1.63 21.44 1.54
N GLN A 224 -1.17 22.65 1.88
CA GLN A 224 -1.07 23.70 0.88
C GLN A 224 -0.11 23.33 -0.23
N GLN A 225 0.90 22.49 0.06
CA GLN A 225 1.84 22.08 -0.96
C GLN A 225 1.25 20.96 -1.83
N LYS A 226 0.56 19.99 -1.22
CA LYS A 226 -0.06 18.93 -1.99
C LYS A 226 -1.17 19.47 -2.90
N ASN A 227 -1.89 20.49 -2.42
CA ASN A 227 -2.96 21.08 -3.22
C ASN A 227 -2.44 22.08 -4.24
N ASN A 228 -1.31 22.72 -3.96
CA ASN A 228 -0.79 23.72 -4.88
C ASN A 228 -0.41 23.11 -6.23
N ARG A 229 0.06 21.86 -6.23
CA ARG A 229 0.38 21.21 -7.49
C ARG A 229 -0.86 21.10 -8.38
N LEU A 230 -2.00 20.74 -7.79
CA LEU A 230 -3.24 20.71 -8.56
C LEU A 230 -3.62 22.12 -9.03
N LEU A 231 -3.40 23.12 -8.18
CA LEU A 231 -3.66 24.50 -8.60
C LEU A 231 -2.78 24.89 -9.78
N GLU A 232 -1.58 24.32 -9.88
CA GLU A 232 -0.68 24.62 -10.97
C GLU A 232 -0.92 23.76 -12.21
N ILE A 233 -1.18 22.45 -12.03
CA ILE A 233 -1.50 21.61 -13.17
C ILE A 233 -2.74 22.12 -13.87
N THR A 234 -3.75 22.53 -13.11
CA THR A 234 -4.93 23.14 -13.70
C THR A 234 -4.59 24.48 -14.32
N ARG A 235 -3.73 25.26 -13.67
CA ARG A 235 -3.35 26.56 -14.22
C ARG A 235 -2.63 26.41 -15.56
N GLU A 236 -1.86 25.33 -15.73
CA GLU A 236 -1.15 25.11 -16.99
C GLU A 236 -2.06 24.50 -18.05
N PHE A 237 -2.92 23.56 -17.66
CA PHE A 237 -3.84 22.96 -18.62
C PHE A 237 -4.87 23.96 -19.12
N SER A 238 -5.18 24.98 -18.32
CA SER A 238 -6.24 25.91 -18.67
C SER A 238 -5.82 26.90 -19.75
N VAL A 239 -4.51 27.19 -19.86
CA VAL A 239 -4.02 28.21 -20.77
C VAL A 239 -3.52 27.60 -22.08
N ASN A 240 -2.85 26.45 -22.03
CA ASN A 240 -2.36 25.81 -23.25
C ASN A 240 -3.43 24.99 -23.95
N ALA A 241 -4.67 25.02 -23.47
CA ALA A 241 -5.79 24.29 -24.06
C ALA A 241 -5.53 22.78 -24.08
N GLY A 242 -5.37 22.22 -22.88
CA GLY A 242 -5.31 20.78 -22.71
C GLY A 242 -4.00 20.12 -23.04
N VAL A 243 -3.14 20.74 -23.84
CA VAL A 243 -1.87 20.14 -24.23
C VAL A 243 -0.75 21.13 -23.89
N THR A 244 0.10 20.76 -22.94
CA THR A 244 1.20 21.59 -22.50
C THR A 244 2.53 20.97 -22.91
N THR A 245 3.51 21.84 -23.20
CA THR A 245 4.86 21.41 -23.52
C THR A 245 5.80 22.59 -23.29
N PRO A 246 6.97 22.39 -22.67
CA PRO A 246 7.48 21.10 -22.16
C PRO A 246 6.74 20.60 -20.92
N VAL A 247 6.95 19.33 -20.59
CA VAL A 247 6.35 18.76 -19.38
C VAL A 247 7.04 19.38 -18.18
N SER A 248 6.32 20.22 -17.44
CA SER A 248 6.91 20.99 -16.36
C SER A 248 7.14 20.10 -15.14
N THR A 249 7.62 20.73 -14.06
CA THR A 249 7.81 20.01 -12.80
C THR A 249 6.48 19.55 -12.22
N TYR A 250 5.45 20.40 -12.32
CA TYR A 250 4.15 20.03 -11.77
C TYR A 250 3.50 18.92 -12.60
N MET A 251 3.69 18.95 -13.93
CA MET A 251 3.16 17.88 -14.77
C MET A 251 3.82 16.54 -14.47
N LEU A 252 5.09 16.56 -14.05
CA LEU A 252 5.84 15.37 -13.68
C LEU A 252 7.15 15.78 -13.04
N THR A 253 7.29 15.59 -11.74
CA THR A 253 8.46 16.10 -11.03
C THR A 253 9.72 15.37 -11.47
N ASN A 254 10.86 15.91 -11.02
CA ASN A 254 12.15 15.32 -11.36
C ASN A 254 12.23 13.87 -10.87
N SER A 255 11.70 13.61 -9.68
CA SER A 255 11.80 12.28 -9.11
C SER A 255 10.85 11.29 -9.77
N GLU A 256 9.80 11.77 -10.44
CA GLU A 256 8.81 10.90 -11.05
C GLU A 256 9.07 10.64 -12.53
N LEU A 257 9.72 11.56 -13.23
CA LEU A 257 10.13 11.29 -14.60
C LEU A 257 11.20 10.21 -14.64
N LEU A 258 12.08 10.16 -13.65
CA LEU A 258 13.12 9.13 -13.60
C LEU A 258 12.52 7.76 -13.32
N SER A 259 11.57 7.69 -12.39
CA SER A 259 10.88 6.42 -12.16
C SER A 259 10.15 5.93 -13.40
N LEU A 260 9.80 6.84 -14.31
CA LEU A 260 9.17 6.44 -15.57
C LEU A 260 10.21 5.98 -16.59
N ILE A 261 11.30 6.72 -16.73
CA ILE A 261 12.35 6.34 -17.68
C ILE A 261 13.01 5.03 -17.26
N ASN A 262 13.14 4.79 -15.95
CA ASN A 262 13.72 3.53 -15.49
C ASN A 262 12.84 2.35 -15.88
N ASP A 263 11.52 2.50 -15.80
CA ASP A 263 10.59 1.46 -16.21
C ASP A 263 10.26 1.52 -17.70
N MET A 264 10.86 2.44 -18.44
CA MET A 264 10.62 2.54 -19.87
C MET A 264 11.20 1.34 -20.59
N PRO A 265 10.41 0.58 -21.34
CA PRO A 265 10.95 -0.56 -22.08
C PRO A 265 11.90 -0.12 -23.20
N ILE A 266 13.08 0.39 -22.82
CA ILE A 266 14.07 0.84 -23.79
C ILE A 266 15.41 0.20 -23.50
N THR A 267 16.45 0.64 -24.20
CA THR A 267 17.78 0.08 -24.03
C THR A 267 18.37 0.56 -22.71
N ASN A 268 19.56 0.03 -22.40
CA ASN A 268 20.16 0.29 -21.08
C ASN A 268 20.90 1.62 -21.07
N ASP A 269 21.74 1.86 -22.07
CA ASP A 269 22.54 3.09 -22.07
C ASP A 269 21.69 4.31 -22.37
N GLN A 270 20.62 4.15 -23.14
CA GLN A 270 19.75 5.28 -23.42
C GLN A 270 19.08 5.80 -22.15
N LYS A 271 18.76 4.91 -21.23
CA LYS A 271 18.27 5.35 -19.93
C LYS A 271 19.31 6.21 -19.23
N LYS A 272 20.60 5.89 -19.42
CA LYS A 272 21.66 6.75 -18.91
C LYS A 272 21.75 8.04 -19.71
N LEU A 273 21.42 7.99 -21.01
CA LEU A 273 21.45 9.19 -21.83
C LEU A 273 20.32 10.13 -21.45
N MET A 274 19.09 9.62 -21.40
CA MET A 274 17.94 10.49 -21.12
C MET A 274 17.98 11.04 -19.70
N SER A 275 18.52 10.27 -18.76
CA SER A 275 18.58 10.74 -17.38
C SER A 275 19.50 11.95 -17.25
N ASN A 276 20.62 11.95 -17.97
CA ASN A 276 21.53 13.08 -17.90
C ASN A 276 21.02 14.27 -18.68
N ASN A 277 20.06 14.09 -19.58
CA ASN A 277 19.47 15.16 -20.37
C ASN A 277 17.95 15.15 -20.19
N VAL A 278 17.52 15.28 -18.94
CA VAL A 278 16.09 15.23 -18.64
C VAL A 278 15.40 16.51 -19.13
N GLN A 279 16.06 17.66 -19.00
CA GLN A 279 15.47 18.91 -19.44
C GLN A 279 15.28 18.95 -20.95
N ILE A 280 16.09 18.19 -21.69
CA ILE A 280 15.89 18.08 -23.13
C ILE A 280 14.73 17.13 -23.43
N VAL A 281 14.62 16.03 -22.69
CA VAL A 281 13.50 15.11 -22.86
C VAL A 281 12.18 15.82 -22.60
N ARG A 282 12.14 16.67 -21.58
CA ARG A 282 10.92 17.42 -21.28
C ARG A 282 10.55 18.35 -22.43
N GLN A 283 11.54 19.04 -23.00
CA GLN A 283 11.26 19.95 -24.10
C GLN A 283 10.71 19.25 -25.33
N GLN A 284 10.86 17.92 -25.41
CA GLN A 284 10.37 17.13 -26.53
C GLN A 284 9.23 16.20 -26.11
N SER A 285 8.50 16.56 -25.06
CA SER A 285 7.42 15.76 -24.54
C SER A 285 6.10 16.53 -24.65
N TYR A 286 5.01 15.81 -24.39
CA TYR A 286 3.68 16.40 -24.48
C TYR A 286 2.81 15.86 -23.36
N SER A 287 2.22 16.76 -22.59
CA SER A 287 1.22 16.42 -21.58
C SER A 287 -0.16 16.72 -22.14
N ILE A 288 -1.05 15.73 -22.10
CA ILE A 288 -2.37 15.82 -22.72
C ILE A 288 -3.42 15.54 -21.67
N MET A 289 -4.15 16.58 -21.26
CA MET A 289 -5.27 16.42 -20.35
C MET A 289 -6.34 15.54 -20.98
N SER A 290 -6.81 14.54 -20.24
CA SER A 290 -7.78 13.59 -20.76
C SER A 290 -9.12 13.85 -20.09
N ILE A 291 -9.42 13.20 -18.96
CA ILE A 291 -10.77 13.20 -18.40
C ILE A 291 -10.73 13.54 -16.92
N ILE A 292 -11.92 13.80 -16.36
CA ILE A 292 -12.14 14.00 -14.94
C ILE A 292 -13.49 13.35 -14.61
N LYS A 293 -13.46 12.21 -13.93
CA LYS A 293 -14.65 11.55 -13.43
C LYS A 293 -14.23 10.34 -12.62
N GLU A 294 -15.14 9.90 -11.73
CA GLU A 294 -14.91 8.73 -10.87
C GLU A 294 -13.67 8.91 -9.99
N GLU A 295 -13.50 10.13 -9.47
CA GLU A 295 -12.45 10.45 -8.48
C GLU A 295 -11.05 10.24 -9.03
N VAL A 296 -10.86 10.44 -10.34
CA VAL A 296 -9.56 10.25 -10.98
C VAL A 296 -9.27 11.45 -11.86
N LEU A 297 -8.05 11.98 -11.75
CA LEU A 297 -7.52 12.99 -12.66
C LEU A 297 -6.39 12.33 -13.45
N ALA A 298 -6.63 12.10 -14.73
CA ALA A 298 -5.68 11.40 -15.59
C ALA A 298 -5.36 12.27 -16.80
N TYR A 299 -4.07 12.41 -17.10
CA TYR A 299 -3.62 13.04 -18.32
C TYR A 299 -2.53 12.18 -18.95
N VAL A 300 -2.51 12.15 -20.27
CA VAL A 300 -1.59 11.30 -21.02
C VAL A 300 -0.31 12.07 -21.28
N VAL A 301 0.81 11.52 -20.84
CA VAL A 301 2.13 12.10 -21.04
C VAL A 301 2.83 11.33 -22.15
N GLN A 302 3.43 12.06 -23.10
CA GLN A 302 4.05 11.47 -24.27
C GLN A 302 5.54 11.80 -24.26
N LEU A 303 6.38 10.78 -23.94
CA LEU A 303 7.83 10.94 -23.90
C LEU A 303 8.46 10.57 -25.24
N PRO A 304 9.57 11.20 -25.60
CA PRO A 304 10.22 10.88 -26.88
C PRO A 304 11.02 9.60 -26.80
N LEU A 305 11.00 8.85 -27.91
CA LEU A 305 11.73 7.60 -28.05
C LEU A 305 12.91 7.83 -28.97
N TYR A 306 14.12 7.74 -28.44
CA TYR A 306 15.35 7.96 -29.20
C TYR A 306 15.87 6.61 -29.68
N GLY A 307 15.73 6.33 -30.97
CA GLY A 307 16.19 5.09 -31.53
C GLY A 307 17.53 5.21 -32.23
N VAL A 308 17.94 6.42 -32.57
CA VAL A 308 19.20 6.69 -33.26
C VAL A 308 20.10 7.45 -32.31
N ILE A 309 21.15 6.79 -31.82
CA ILE A 309 22.13 7.40 -30.94
C ILE A 309 23.53 7.09 -31.48
N ASP A 310 24.50 7.87 -30.99
CA ASP A 310 25.93 7.74 -31.31
C ASP A 310 26.17 7.42 -32.78
N THR A 311 25.62 8.28 -33.65
CA THR A 311 25.97 8.25 -35.05
C THR A 311 26.57 9.61 -35.45
N PRO A 312 27.46 9.63 -36.44
CA PRO A 312 28.07 10.92 -36.82
C PRO A 312 27.04 11.90 -37.36
N CYS A 313 27.24 13.17 -37.02
CA CYS A 313 26.37 14.26 -37.47
C CYS A 313 27.23 15.50 -37.68
N TRP A 314 26.75 16.39 -38.56
CA TRP A 314 27.49 17.61 -38.85
C TRP A 314 26.51 18.71 -39.22
N LYS A 315 26.79 19.92 -38.73
CA LYS A 315 25.96 21.09 -39.02
C LYS A 315 26.35 21.68 -40.37
N LEU A 316 25.72 22.80 -40.71
CA LEU A 316 25.96 23.55 -41.95
C LEU A 316 26.17 22.67 -43.18
N ASP A 338 21.09 25.32 -47.74
CA ASP A 338 21.53 24.18 -46.95
C ASP A 338 21.75 24.57 -45.48
N ARG A 339 20.96 25.52 -45.00
CA ARG A 339 21.06 25.97 -43.61
C ARG A 339 20.34 24.96 -42.72
N GLY A 340 21.06 23.91 -42.32
CA GLY A 340 20.44 22.91 -41.49
C GLY A 340 21.45 21.88 -41.02
N TRP A 341 20.95 20.88 -40.32
CA TRP A 341 21.75 19.80 -39.77
C TRP A 341 21.69 18.57 -40.69
N TYR A 342 22.66 17.68 -40.52
CA TYR A 342 22.73 16.44 -41.28
C TYR A 342 23.20 15.33 -40.35
N CYS A 343 22.38 14.29 -40.21
CA CYS A 343 22.68 13.15 -39.36
C CYS A 343 22.58 11.86 -40.14
N ASP A 344 23.54 10.96 -39.93
CA ASP A 344 23.50 9.65 -40.55
C ASP A 344 22.34 8.83 -40.00
N ASN A 345 21.77 7.99 -40.86
CA ASN A 345 20.61 7.18 -40.46
C ASN A 345 20.47 6.03 -41.45
N ALA A 346 20.98 4.86 -41.06
CA ALA A 346 20.87 3.63 -41.85
C ALA A 346 21.39 3.83 -43.27
N GLY A 347 22.60 4.38 -43.36
CA GLY A 347 23.23 4.63 -44.64
C GLY A 347 22.79 5.89 -45.35
N SER A 348 21.76 6.58 -44.85
CA SER A 348 21.28 7.81 -45.44
C SER A 348 21.50 8.96 -44.46
N VAL A 349 21.21 10.17 -44.94
CA VAL A 349 21.39 11.39 -44.16
C VAL A 349 20.09 12.19 -44.20
N SER A 350 19.68 12.69 -43.04
CA SER A 350 18.45 13.46 -42.91
C SER A 350 18.76 14.91 -42.59
N PHE A 351 17.70 15.71 -42.46
CA PHE A 351 17.84 17.13 -42.17
C PHE A 351 17.89 17.37 -40.66
N THR A 357 14.98 22.55 -37.29
CA THR A 357 16.03 22.83 -36.32
C THR A 357 16.16 21.69 -35.31
N CYS A 358 17.35 21.53 -34.74
CA CYS A 358 17.66 20.48 -33.78
C CYS A 358 18.23 21.08 -32.51
N LYS A 359 17.69 20.66 -31.37
CA LYS A 359 18.14 21.17 -30.07
C LYS A 359 19.47 20.49 -29.72
N VAL A 360 20.56 21.20 -29.90
CA VAL A 360 21.89 20.68 -29.63
C VAL A 360 22.29 21.06 -28.21
N GLN A 361 23.11 20.21 -27.60
CA GLN A 361 23.59 20.44 -26.24
C GLN A 361 24.91 19.72 -26.08
N SER A 362 25.97 20.48 -25.79
CA SER A 362 27.33 19.96 -25.63
C SER A 362 27.71 19.21 -26.90
N ASN A 363 28.02 17.91 -26.85
CA ASN A 363 28.33 17.13 -28.03
C ASN A 363 27.12 16.36 -28.56
N ARG A 364 26.00 16.40 -27.85
CA ARG A 364 24.84 15.60 -28.20
C ARG A 364 23.89 16.36 -29.10
N VAL A 365 23.39 15.67 -30.12
CA VAL A 365 22.48 16.24 -31.12
C VAL A 365 21.12 15.58 -30.94
N PHE A 366 20.14 16.37 -30.52
CA PHE A 366 18.77 15.88 -30.34
C PHE A 366 17.90 16.45 -31.45
N CYS A 367 17.12 15.58 -32.11
CA CYS A 367 16.25 15.99 -33.20
C CYS A 367 15.24 14.87 -33.44
N ASP A 368 14.29 15.12 -34.35
CA ASP A 368 13.24 14.17 -34.65
C ASP A 368 13.05 14.06 -36.17
N THR A 369 12.15 13.17 -36.58
CA THR A 369 11.91 12.88 -37.99
C THR A 369 10.88 13.85 -38.57
N MET A 370 11.18 14.40 -39.74
CA MET A 370 10.27 15.30 -40.42
C MET A 370 9.64 14.64 -41.64
N ILE A 407 28.06 31.99 -37.63
CA ILE A 407 28.21 31.90 -36.20
C ILE A 407 28.37 30.43 -35.79
N THR A 408 29.51 29.85 -36.16
CA THR A 408 29.80 28.45 -35.85
C THR A 408 30.27 28.29 -34.40
N VAL A 459 29.52 35.24 -29.59
CA VAL A 459 29.91 33.90 -29.99
C VAL A 459 30.74 33.23 -28.90
N ASN A 460 31.22 32.02 -29.17
CA ASN A 460 32.08 31.31 -28.23
C ASN A 460 32.85 30.25 -29.00
N LYS A 461 33.99 29.84 -28.42
CA LYS A 461 34.77 28.74 -28.94
C LYS A 461 35.19 27.84 -27.78
N GLN A 462 35.33 26.55 -28.06
CA GLN A 462 35.61 25.57 -27.02
C GLN A 462 36.93 24.85 -27.27
N GLN B 1 30.09 12.36 3.46
CA GLN B 1 30.16 11.59 2.24
C GLN B 1 29.32 10.32 2.34
N VAL B 2 29.38 9.51 1.30
CA VAL B 2 28.62 8.26 1.22
C VAL B 2 29.43 7.16 1.90
N THR B 3 28.74 6.32 2.68
CA THR B 3 29.37 5.22 3.37
C THR B 3 28.53 3.95 3.23
N LEU B 4 29.22 2.82 3.19
CA LEU B 4 28.58 1.51 3.07
C LEU B 4 29.35 0.51 3.91
N ARG B 5 28.63 -0.45 4.48
CA ARG B 5 29.25 -1.47 5.31
C ARG B 5 28.39 -2.72 5.31
N GLU B 6 28.99 -3.85 4.96
CA GLU B 6 28.29 -5.13 4.95
C GLU B 6 28.22 -5.72 6.34
N SER B 7 27.27 -6.63 6.52
CA SER B 7 27.08 -7.31 7.81
C SER B 7 26.47 -8.67 7.54
N GLY B 8 27.09 -9.72 8.10
CA GLY B 8 26.62 -11.06 7.93
C GLY B 8 27.52 -12.08 8.60
N PRO B 9 27.09 -13.33 8.64
CA PRO B 9 27.91 -14.38 9.26
C PRO B 9 29.15 -14.69 8.44
N ALA B 10 30.30 -14.70 9.11
CA ALA B 10 31.56 -14.99 8.44
C ALA B 10 31.74 -16.47 8.13
N LEU B 11 31.09 -17.36 8.87
CA LEU B 11 31.13 -18.79 8.62
C LEU B 11 29.71 -19.27 8.34
N VAL B 12 29.55 -20.10 7.31
CA VAL B 12 28.25 -20.66 6.93
C VAL B 12 28.33 -22.18 7.02
N LYS B 13 27.25 -22.77 7.43
CA LYS B 13 27.14 -24.21 7.36
C LYS B 13 26.46 -24.60 6.07
N PRO B 14 27.02 -25.53 5.30
CA PRO B 14 26.60 -25.71 3.90
C PRO B 14 25.09 -25.83 3.75
N THR B 15 24.58 -25.21 2.67
CA THR B 15 23.17 -25.20 2.26
C THR B 15 22.29 -24.32 3.15
N GLN B 16 22.79 -23.86 4.30
CA GLN B 16 22.01 -22.94 5.11
C GLN B 16 21.95 -21.56 4.46
N THR B 17 20.81 -20.89 4.65
CA THR B 17 20.61 -19.58 4.03
C THR B 17 21.63 -18.57 4.56
N LEU B 18 21.97 -17.62 3.71
CA LEU B 18 22.96 -16.58 4.03
C LEU B 18 22.28 -15.22 3.90
N THR B 19 22.05 -14.57 5.03
CA THR B 19 21.42 -13.25 5.07
C THR B 19 22.51 -12.18 5.19
N LEU B 20 22.58 -11.30 4.20
CA LEU B 20 23.56 -10.22 4.17
C LEU B 20 22.82 -8.89 4.10
N THR B 21 23.26 -7.93 4.93
CA THR B 21 22.63 -6.62 5.00
C THR B 21 23.70 -5.55 4.82
N CYS B 22 23.40 -4.56 3.98
CA CYS B 22 24.32 -3.47 3.68
C CYS B 22 23.66 -2.16 4.12
N THR B 23 24.19 -1.56 5.18
CA THR B 23 23.70 -0.29 5.68
C THR B 23 24.45 0.85 5.01
N PHE B 24 23.72 1.92 4.70
CA PHE B 24 24.31 3.07 4.01
C PHE B 24 23.86 4.37 4.66
N SER B 25 24.76 5.35 4.65
CA SER B 25 24.46 6.70 5.09
C SER B 25 25.03 7.67 4.07
N GLY B 26 24.71 8.96 4.25
CA GLY B 26 25.09 9.98 3.30
C GLY B 26 24.18 10.12 2.11
N PHE B 27 23.23 9.20 1.93
CA PHE B 27 22.25 9.29 0.85
C PHE B 27 21.03 8.46 1.25
N SER B 28 19.90 8.80 0.67
CA SER B 28 18.65 8.07 0.89
C SER B 28 18.30 7.30 -0.38
N LEU B 29 18.06 6.00 -0.24
CA LEU B 29 17.71 5.17 -1.39
C LEU B 29 16.40 5.62 -2.01
N SER B 30 15.52 6.24 -1.22
CA SER B 30 14.23 6.68 -1.73
C SER B 30 14.37 7.78 -2.78
N THR B 31 15.47 8.53 -2.75
CA THR B 31 15.70 9.54 -3.78
C THR B 31 15.80 8.87 -5.14
N ALA B 32 15.09 9.44 -6.13
CA ALA B 32 15.02 8.84 -7.44
C ALA B 32 16.41 8.77 -8.08
N GLY B 33 16.61 7.75 -8.91
CA GLY B 33 17.90 7.48 -9.51
C GLY B 33 18.84 6.67 -8.66
N MET B 34 18.56 6.49 -7.38
CA MET B 34 19.48 5.80 -6.50
C MET B 34 19.30 4.29 -6.62
N SER B 35 20.37 3.56 -6.28
CA SER B 35 20.37 2.12 -6.37
C SER B 35 21.44 1.56 -5.44
N VAL B 36 21.36 0.26 -5.19
CA VAL B 36 22.32 -0.45 -4.36
C VAL B 36 22.56 -1.81 -5.00
N GLY B 37 23.82 -2.12 -5.29
CA GLY B 37 24.19 -3.38 -5.89
C GLY B 37 24.97 -4.27 -4.94
N TRP B 38 25.27 -5.47 -5.44
CA TRP B 38 26.02 -6.47 -4.69
C TRP B 38 27.04 -7.12 -5.60
N ILE B 39 28.27 -7.21 -5.14
CA ILE B 39 29.36 -7.82 -5.91
C ILE B 39 30.14 -8.73 -4.99
N ARG B 40 30.47 -9.92 -5.48
CA ARG B 40 31.28 -10.88 -4.74
C ARG B 40 32.59 -11.11 -5.46
N GLN B 41 33.51 -11.78 -4.76
CA GLN B 41 34.80 -12.14 -5.35
C GLN B 41 35.38 -13.38 -4.69
N PRO B 42 35.32 -14.54 -5.34
CA PRO B 42 35.93 -15.73 -4.75
C PRO B 42 37.44 -15.58 -4.72
N PRO B 43 38.11 -16.21 -3.75
CA PRO B 43 39.58 -16.11 -3.68
C PRO B 43 40.24 -16.69 -4.93
N GLY B 44 41.15 -15.91 -5.51
CA GLY B 44 41.84 -16.29 -6.72
C GLY B 44 41.13 -15.91 -8.00
N LYS B 45 39.83 -15.63 -7.95
CA LYS B 45 39.04 -15.25 -9.11
C LYS B 45 38.77 -13.76 -9.12
N ALA B 46 38.20 -13.29 -10.22
CA ALA B 46 37.92 -11.87 -10.41
C ALA B 46 36.54 -11.53 -9.85
N LEU B 47 36.10 -10.30 -10.08
CA LEU B 47 34.81 -9.84 -9.56
C LEU B 47 33.67 -10.49 -10.35
N GLU B 48 32.47 -10.37 -9.80
CA GLU B 48 31.28 -10.97 -10.39
C GLU B 48 30.06 -10.25 -9.84
N TRP B 49 29.24 -9.69 -10.73
CA TRP B 49 28.04 -8.99 -10.28
C TRP B 49 26.98 -9.99 -9.84
N LEU B 50 26.24 -9.63 -8.80
CA LEU B 50 25.22 -10.51 -8.21
C LEU B 50 23.82 -9.97 -8.48
N ALA B 51 23.44 -8.84 -7.88
CA ALA B 51 22.11 -8.30 -8.04
C ALA B 51 22.15 -6.81 -7.71
N ASP B 52 21.00 -6.16 -7.84
CA ASP B 52 20.84 -4.76 -7.48
C ASP B 52 19.37 -4.44 -7.36
N ILE B 53 19.06 -3.40 -6.58
CA ILE B 53 17.71 -2.91 -6.42
C ILE B 53 17.72 -1.42 -6.70
N TRP B 54 16.54 -0.87 -6.95
CA TRP B 54 16.40 0.54 -7.28
C TRP B 54 15.31 1.16 -6.42
N TRP B 55 15.21 2.48 -6.48
CA TRP B 55 14.25 3.19 -5.63
C TRP B 55 12.82 2.81 -5.97
N ASP B 56 12.54 2.46 -7.23
CA ASP B 56 11.21 2.01 -7.63
C ASP B 56 10.99 0.52 -7.37
N ASP B 57 11.82 -0.09 -6.52
CA ASP B 57 11.72 -1.50 -6.17
C ASP B 57 11.86 -2.41 -7.39
N LYS B 58 12.58 -1.95 -8.42
CA LYS B 58 12.86 -2.76 -9.59
C LYS B 58 14.12 -3.58 -9.33
N LYS B 59 14.03 -4.88 -9.55
CA LYS B 59 15.11 -5.81 -9.21
C LYS B 59 15.69 -6.44 -10.47
N HIS B 60 17.01 -6.61 -10.48
CA HIS B 60 17.72 -7.26 -11.57
C HIS B 60 18.76 -8.20 -10.99
N TYR B 61 18.70 -9.47 -11.38
CA TYR B 61 19.59 -10.49 -10.86
C TYR B 61 20.54 -10.97 -11.96
N ASN B 62 21.49 -11.80 -11.53
CA ASN B 62 22.46 -12.41 -12.44
C ASN B 62 22.00 -13.82 -12.79
N PRO B 63 21.89 -14.15 -14.07
CA PRO B 63 21.44 -15.49 -14.46
C PRO B 63 22.35 -16.62 -14.01
N SER B 64 23.57 -16.32 -13.53
CA SER B 64 24.41 -17.36 -12.99
C SER B 64 23.84 -17.93 -11.68
N LEU B 65 23.13 -17.09 -10.92
CA LEU B 65 22.51 -17.49 -9.66
C LEU B 65 21.02 -17.13 -9.74
N LYS B 66 20.28 -17.91 -10.53
CA LYS B 66 18.87 -17.58 -10.78
C LYS B 66 17.98 -17.87 -9.58
N ASP B 67 18.04 -19.10 -9.06
CA ASP B 67 17.05 -19.55 -8.08
C ASP B 67 17.30 -18.98 -6.69
N ARG B 68 18.56 -18.84 -6.29
CA ARG B 68 18.89 -18.61 -4.90
C ARG B 68 18.83 -17.15 -4.48
N LEU B 69 19.07 -16.22 -5.40
CA LEU B 69 19.16 -14.81 -5.05
C LEU B 69 17.79 -14.21 -4.78
N THR B 70 17.74 -13.32 -3.79
CA THR B 70 16.50 -12.61 -3.45
C THR B 70 16.88 -11.34 -2.70
N ILE B 71 16.65 -10.19 -3.33
CA ILE B 71 17.01 -8.89 -2.76
C ILE B 71 15.74 -8.16 -2.35
N SER B 72 15.88 -7.26 -1.39
CA SER B 72 14.77 -6.45 -0.92
C SER B 72 15.34 -5.21 -0.21
N LYS B 73 14.68 -4.07 -0.41
CA LYS B 73 15.15 -2.82 0.14
C LYS B 73 14.47 -2.54 1.49
N ASP B 74 14.87 -1.43 2.12
CA ASP B 74 14.27 -0.98 3.36
C ASP B 74 14.55 0.50 3.55
N THR B 75 13.76 1.36 2.88
CA THR B 75 13.98 2.79 2.95
C THR B 75 13.86 3.30 4.38
N SER B 76 12.96 2.70 5.16
CA SER B 76 12.75 3.12 6.54
C SER B 76 13.94 2.82 7.45
N LYS B 77 14.93 2.07 6.96
CA LYS B 77 16.10 1.73 7.74
C LYS B 77 17.42 2.07 7.05
N ASN B 78 17.38 2.57 5.81
CA ASN B 78 18.58 2.87 5.03
C ASN B 78 19.48 1.64 4.92
N GLN B 79 18.88 0.51 4.56
CA GLN B 79 19.62 -0.74 4.42
C GLN B 79 18.98 -1.56 3.31
N VAL B 80 19.75 -2.52 2.79
CA VAL B 80 19.29 -3.45 1.77
C VAL B 80 19.62 -4.85 2.23
N VAL B 81 18.64 -5.74 2.17
CA VAL B 81 18.82 -7.13 2.60
C VAL B 81 18.91 -8.01 1.37
N LEU B 82 19.83 -8.98 1.41
CA LEU B 82 20.02 -9.93 0.32
C LEU B 82 20.14 -11.32 0.92
N LYS B 83 19.26 -12.22 0.49
CA LYS B 83 19.25 -13.60 0.97
C LYS B 83 19.78 -14.52 -0.12
N VAL B 84 20.75 -15.36 0.23
CA VAL B 84 21.33 -16.34 -0.69
C VAL B 84 21.12 -17.72 -0.08
N THR B 85 20.18 -18.47 -0.64
CA THR B 85 19.87 -19.79 -0.13
C THR B 85 20.82 -20.83 -0.71
N ASN B 86 20.89 -21.97 -0.02
CA ASN B 86 21.69 -23.12 -0.44
C ASN B 86 23.14 -22.74 -0.74
N MET B 87 23.93 -22.52 0.29
CA MET B 87 25.33 -22.15 0.12
C MET B 87 26.18 -23.39 -0.21
N ASP B 88 27.29 -23.16 -0.92
CA ASP B 88 28.09 -24.25 -1.47
C ASP B 88 29.58 -23.97 -1.36
N PRO B 89 30.41 -25.03 -1.15
CA PRO B 89 31.87 -24.86 -1.08
C PRO B 89 32.51 -23.94 -2.12
N ALA B 90 31.85 -23.72 -3.28
CA ALA B 90 32.39 -22.79 -4.27
C ALA B 90 32.00 -21.34 -4.01
N ASP B 91 30.99 -21.10 -3.17
CA ASP B 91 30.49 -19.76 -2.94
C ASP B 91 31.32 -18.94 -1.95
N THR B 92 32.44 -19.48 -1.45
CA THR B 92 33.36 -18.67 -0.65
C THR B 92 33.80 -17.46 -1.44
N ALA B 93 33.52 -16.27 -0.92
CA ALA B 93 33.87 -15.04 -1.61
C ALA B 93 33.84 -13.89 -0.62
N THR B 94 34.47 -12.79 -1.02
CA THR B 94 34.39 -11.53 -0.27
C THR B 94 33.26 -10.71 -0.88
N TYR B 95 32.17 -10.56 -0.14
CA TYR B 95 30.97 -9.94 -0.65
C TYR B 95 30.98 -8.43 -0.37
N TYR B 96 30.81 -7.64 -1.42
CA TYR B 96 30.77 -6.19 -1.31
C TYR B 96 29.42 -5.67 -1.78
N CYS B 97 29.00 -4.54 -1.22
CA CYS B 97 27.86 -3.80 -1.71
C CYS B 97 28.33 -2.43 -2.18
N ALA B 98 27.48 -1.77 -2.96
CA ALA B 98 27.88 -0.50 -3.55
C ALA B 98 26.64 0.28 -3.98
N ARG B 99 26.83 1.58 -4.12
CA ARG B 99 25.78 2.48 -4.58
C ARG B 99 25.86 2.63 -6.10
N ASP B 100 24.70 2.76 -6.73
CA ASP B 100 24.61 2.91 -8.18
C ASP B 100 23.56 3.98 -8.49
N MET B 101 23.80 4.70 -9.58
CA MET B 101 22.87 5.73 -10.03
C MET B 101 22.52 5.49 -11.49
N ILE B 102 21.27 5.83 -11.85
CA ILE B 102 20.82 5.69 -13.23
C ILE B 102 21.56 6.65 -14.15
N PHE B 103 22.10 7.73 -13.61
CA PHE B 103 22.83 8.70 -14.42
C PHE B 103 24.18 8.15 -14.90
N ASN B 104 24.70 7.12 -14.24
CA ASN B 104 26.00 6.56 -14.60
C ASN B 104 26.02 5.11 -14.15
N PHE B 105 25.97 4.17 -15.10
CA PHE B 105 25.81 2.75 -14.80
C PHE B 105 27.13 2.16 -14.33
N TYR B 106 27.41 2.34 -13.04
CA TYR B 106 28.53 1.69 -12.38
C TYR B 106 28.40 1.90 -10.87
N PHE B 107 29.37 1.35 -10.13
CA PHE B 107 29.40 1.41 -8.67
C PHE B 107 30.55 2.31 -8.25
N ASP B 108 30.21 3.51 -7.78
CA ASP B 108 31.23 4.50 -7.45
C ASP B 108 31.73 4.37 -6.01
N VAL B 109 30.83 4.23 -5.05
CA VAL B 109 31.16 4.16 -3.64
C VAL B 109 31.01 2.73 -3.16
N TRP B 110 31.93 2.27 -2.30
CA TRP B 110 32.04 0.87 -1.95
C TRP B 110 32.10 0.69 -0.43
N GLY B 111 32.10 -0.58 -0.02
CA GLY B 111 32.15 -0.94 1.38
C GLY B 111 33.34 -1.82 1.68
N GLN B 112 33.57 -2.06 2.98
CA GLN B 112 34.76 -2.75 3.41
C GLN B 112 34.76 -4.21 2.98
N GLY B 113 33.60 -4.86 2.99
CA GLY B 113 33.49 -6.23 2.54
C GLY B 113 33.63 -7.26 3.63
N THR B 114 32.76 -8.26 3.62
CA THR B 114 32.77 -9.34 4.59
C THR B 114 33.14 -10.65 3.91
N THR B 115 33.86 -11.51 4.65
CA THR B 115 34.30 -12.80 4.13
C THR B 115 33.39 -13.89 4.67
N VAL B 116 32.82 -14.67 3.75
CA VAL B 116 31.92 -15.77 4.10
C VAL B 116 32.51 -17.03 3.50
N THR B 117 32.92 -17.95 4.37
CA THR B 117 33.54 -19.20 3.95
C THR B 117 32.59 -20.35 4.18
N VAL B 118 32.47 -21.20 3.18
CA VAL B 118 31.45 -22.24 3.07
C VAL B 118 32.08 -23.58 3.43
N SER B 119 31.85 -24.03 4.67
CA SER B 119 32.50 -25.22 5.17
C SER B 119 31.70 -25.86 6.30
N SER B 120 31.62 -27.19 6.26
CA SER B 120 31.19 -27.98 7.40
C SER B 120 32.37 -28.03 8.36
N ALA B 121 32.41 -27.10 9.32
CA ALA B 121 33.54 -26.98 10.22
C ALA B 121 33.05 -26.45 11.57
N SER B 122 33.90 -26.62 12.58
CA SER B 122 33.63 -26.10 13.91
C SER B 122 34.43 -24.81 14.11
N THR B 123 33.77 -23.80 14.67
CA THR B 123 34.44 -22.53 14.93
C THR B 123 35.58 -22.72 15.92
N LYS B 124 36.70 -22.07 15.66
CA LYS B 124 37.91 -22.21 16.45
C LYS B 124 38.20 -20.91 17.19
N GLY B 125 39.23 -20.96 18.04
CA GLY B 125 39.66 -19.80 18.78
C GLY B 125 41.03 -19.33 18.34
N PRO B 126 41.53 -18.27 18.98
CA PRO B 126 42.87 -17.78 18.63
C PRO B 126 43.98 -18.47 19.41
N SER B 127 45.01 -18.92 18.72
CA SER B 127 46.19 -19.54 19.34
C SER B 127 47.39 -18.63 19.04
N VAL B 128 47.80 -17.83 20.02
CA VAL B 128 48.84 -16.83 19.84
C VAL B 128 50.09 -17.30 20.59
N PHE B 129 51.25 -17.16 19.94
CA PHE B 129 52.54 -17.49 20.52
C PHE B 129 53.57 -16.45 20.08
N PRO B 130 54.41 -15.98 20.99
CA PRO B 130 55.33 -14.88 20.67
C PRO B 130 56.49 -15.35 19.80
N LEU B 131 57.26 -14.38 19.33
CA LEU B 131 58.48 -14.62 18.54
C LEU B 131 59.54 -13.66 19.08
N ALA B 132 60.25 -14.11 20.10
CA ALA B 132 61.21 -13.25 20.79
C ALA B 132 62.41 -12.96 19.89
N PRO B 133 63.01 -11.78 20.03
CA PRO B 133 64.19 -11.43 19.23
C PRO B 133 65.49 -11.78 19.94
N SER B 134 66.48 -12.15 19.12
CA SER B 134 67.82 -12.46 19.61
C SER B 134 68.82 -12.43 18.46
N THR B 142 70.11 -4.32 13.72
CA THR B 142 68.65 -4.35 13.68
C THR B 142 68.14 -5.77 13.94
N ALA B 143 67.19 -5.90 14.87
CA ALA B 143 66.57 -7.16 15.21
C ALA B 143 65.10 -7.14 14.81
N ALA B 144 64.53 -8.34 14.65
CA ALA B 144 63.16 -8.50 14.21
C ALA B 144 62.37 -9.31 15.23
N LEU B 145 61.06 -9.06 15.28
CA LEU B 145 60.17 -9.77 16.18
C LEU B 145 58.79 -9.81 15.57
N GLY B 146 57.93 -10.65 16.13
CA GLY B 146 56.59 -10.77 15.63
C GLY B 146 55.73 -11.67 16.49
N CYS B 147 54.61 -12.10 15.92
CA CYS B 147 53.66 -12.97 16.59
C CYS B 147 53.28 -14.10 15.64
N LEU B 148 52.58 -15.10 16.19
CA LEU B 148 52.19 -16.28 15.43
C LEU B 148 50.77 -16.68 15.81
N VAL B 149 49.96 -16.99 14.79
CA VAL B 149 48.56 -17.38 14.99
C VAL B 149 48.38 -18.81 14.48
N LYS B 150 47.37 -19.49 15.02
CA LYS B 150 47.16 -20.89 14.71
C LYS B 150 45.69 -21.26 14.89
N ASP B 151 45.25 -22.25 14.09
CA ASP B 151 43.94 -22.86 14.09
C ASP B 151 42.78 -22.02 14.48
N TYR B 152 42.43 -21.09 13.60
CA TYR B 152 41.27 -20.22 13.76
C TYR B 152 40.37 -20.37 12.54
N PHE B 153 39.15 -19.84 12.67
CA PHE B 153 38.20 -19.92 11.57
C PHE B 153 37.19 -18.79 11.60
N PRO B 154 36.96 -18.10 10.47
CA PRO B 154 37.82 -18.23 9.30
C PRO B 154 38.63 -16.96 9.05
N GLU B 155 39.30 -16.87 7.92
CA GLU B 155 39.90 -15.61 7.52
C GLU B 155 38.78 -14.59 7.25
N PRO B 156 39.03 -13.31 7.52
CA PRO B 156 40.28 -12.78 8.06
C PRO B 156 40.21 -12.39 9.53
N VAL B 157 41.34 -11.97 10.09
CA VAL B 157 41.42 -11.41 11.44
C VAL B 157 42.32 -10.19 11.38
N THR B 158 41.81 -9.06 11.88
CA THR B 158 42.57 -7.81 11.85
C THR B 158 43.61 -7.81 12.97
N VAL B 159 44.85 -7.50 12.60
CA VAL B 159 45.97 -7.49 13.54
C VAL B 159 46.56 -6.08 13.58
N SER B 160 47.06 -5.70 14.75
CA SER B 160 47.68 -4.40 14.93
C SER B 160 48.69 -4.48 16.06
N TRP B 161 49.62 -3.52 16.06
CA TRP B 161 50.67 -3.43 17.07
C TRP B 161 50.52 -2.13 17.84
N ASN B 162 50.53 -2.23 19.17
CA ASN B 162 50.44 -1.07 20.06
C ASN B 162 49.21 -0.22 19.75
N SER B 163 48.07 -0.90 19.63
CA SER B 163 46.78 -0.26 19.35
C SER B 163 46.86 0.59 18.07
N GLY B 164 47.53 0.06 17.06
CA GLY B 164 47.64 0.73 15.78
C GLY B 164 48.67 1.84 15.72
N ALA B 165 49.54 1.96 16.71
CA ALA B 165 50.55 3.01 16.69
C ALA B 165 51.77 2.60 15.87
N LEU B 166 52.15 1.33 15.94
CA LEU B 166 53.32 0.82 15.22
C LEU B 166 52.88 0.38 13.82
N THR B 167 53.30 1.15 12.81
CA THR B 167 52.90 0.91 11.43
C THR B 167 54.08 0.71 10.49
N SER B 168 55.09 1.57 10.57
CA SER B 168 56.21 1.49 9.66
C SER B 168 57.01 0.21 9.91
N GLY B 169 57.28 -0.53 8.84
CA GLY B 169 58.03 -1.77 8.95
C GLY B 169 57.23 -2.95 9.44
N VAL B 170 55.90 -2.87 9.45
CA VAL B 170 55.04 -3.94 9.92
C VAL B 170 54.58 -4.75 8.71
N HIS B 171 54.73 -6.07 8.81
CA HIS B 171 54.28 -6.98 7.76
C HIS B 171 53.25 -7.94 8.33
N THR B 172 52.28 -8.31 7.51
CA THR B 172 51.23 -9.26 7.88
C THR B 172 51.18 -10.33 6.79
N PHE B 173 51.76 -11.49 7.08
CA PHE B 173 51.80 -12.56 6.10
C PHE B 173 50.41 -13.18 5.94
N PRO B 174 50.01 -13.50 4.71
CA PRO B 174 48.72 -14.17 4.52
C PRO B 174 48.71 -15.56 5.15
N ALA B 175 47.53 -15.98 5.58
CA ALA B 175 47.40 -17.28 6.22
C ALA B 175 47.60 -18.40 5.23
N VAL B 176 48.09 -19.54 5.73
CA VAL B 176 48.34 -20.72 4.91
C VAL B 176 47.66 -21.91 5.55
N LEU B 177 46.96 -22.69 4.73
CA LEU B 177 46.32 -23.91 5.22
C LEU B 177 47.38 -25.00 5.40
N GLN B 178 47.24 -25.78 6.46
CA GLN B 178 48.13 -26.88 6.75
C GLN B 178 47.43 -28.22 6.53
N SER B 179 48.15 -29.31 6.81
CA SER B 179 47.60 -30.63 6.55
C SER B 179 46.40 -30.96 7.43
N SER B 180 46.37 -30.43 8.66
CA SER B 180 45.22 -30.66 9.54
C SER B 180 44.01 -29.82 9.16
N GLY B 181 44.16 -28.86 8.24
CA GLY B 181 43.03 -28.13 7.70
C GLY B 181 42.50 -27.00 8.57
N LEU B 182 43.38 -26.14 9.06
CA LEU B 182 42.94 -24.96 9.81
C LEU B 182 43.66 -23.73 9.25
N TYR B 183 43.93 -22.74 10.10
CA TYR B 183 44.51 -21.49 9.63
C TYR B 183 45.66 -21.05 10.52
N SER B 184 46.69 -20.48 9.90
CA SER B 184 47.88 -20.04 10.62
C SER B 184 48.66 -19.07 9.76
N LEU B 185 48.99 -17.90 10.32
CA LEU B 185 49.80 -16.92 9.60
C LEU B 185 50.90 -16.37 10.51
N SER B 186 51.59 -15.32 10.05
CA SER B 186 52.62 -14.66 10.83
C SER B 186 52.52 -13.17 10.60
N SER B 187 53.02 -12.41 11.57
CA SER B 187 52.99 -10.94 11.49
C SER B 187 54.23 -10.41 12.21
N VAL B 188 55.25 -10.09 11.44
CA VAL B 188 56.51 -9.62 11.99
C VAL B 188 56.58 -8.10 11.89
N VAL B 189 57.52 -7.52 12.61
CA VAL B 189 57.77 -6.08 12.57
C VAL B 189 59.23 -5.83 12.88
N THR B 190 59.88 -5.02 12.05
CA THR B 190 61.29 -4.68 12.22
C THR B 190 61.40 -3.43 13.08
N VAL B 191 62.13 -3.55 14.19
CA VAL B 191 62.28 -2.45 15.13
C VAL B 191 63.76 -2.26 15.43
N PRO B 192 64.17 -1.06 15.86
CA PRO B 192 65.56 -0.86 16.24
C PRO B 192 65.95 -1.71 17.44
N SER B 193 67.21 -2.14 17.47
CA SER B 193 67.67 -3.01 18.54
C SER B 193 67.85 -2.25 19.86
N SER B 194 68.15 -0.95 19.79
CA SER B 194 68.34 -0.18 21.02
C SER B 194 67.03 0.02 21.76
N SER B 195 65.90 0.03 21.05
CA SER B 195 64.61 0.27 21.69
C SER B 195 64.15 -0.93 22.50
N LEU B 196 64.76 -2.10 22.31
CA LEU B 196 64.39 -3.28 23.08
C LEU B 196 64.72 -3.07 24.55
N GLY B 197 63.82 -3.53 25.42
CA GLY B 197 63.94 -3.32 26.84
C GLY B 197 63.41 -1.99 27.35
N THR B 198 63.20 -1.02 26.46
CA THR B 198 62.69 0.29 26.83
C THR B 198 61.30 0.58 26.27
N GLN B 199 60.97 0.04 25.11
CA GLN B 199 59.67 0.24 24.49
C GLN B 199 58.87 -1.06 24.52
N THR B 200 57.59 -0.95 24.81
CA THR B 200 56.71 -2.11 24.88
C THR B 200 56.15 -2.42 23.50
N TYR B 201 56.18 -3.70 23.13
CA TYR B 201 55.65 -4.17 21.84
C TYR B 201 54.62 -5.26 22.11
N ILE B 202 53.38 -5.00 21.69
CA ILE B 202 52.27 -5.92 21.90
C ILE B 202 51.45 -6.00 20.63
N CYS B 203 51.27 -7.21 20.09
CA CYS B 203 50.47 -7.42 18.90
C CYS B 203 49.02 -7.65 19.31
N ASN B 204 48.10 -6.88 18.71
CA ASN B 204 46.69 -6.94 19.04
C ASN B 204 45.98 -7.84 18.04
N VAL B 205 45.34 -8.88 18.54
CA VAL B 205 44.56 -9.81 17.73
C VAL B 205 43.11 -9.70 18.15
N ASN B 206 42.20 -9.61 17.17
CA ASN B 206 40.77 -9.47 17.44
C ASN B 206 40.02 -10.31 16.40
N HIS B 207 39.81 -11.59 16.72
CA HIS B 207 39.09 -12.51 15.85
C HIS B 207 37.60 -12.33 16.09
N LYS B 208 36.98 -11.48 15.27
CA LYS B 208 35.56 -11.18 15.39
C LYS B 208 34.67 -12.36 14.97
N PRO B 209 35.01 -13.13 13.94
CA PRO B 209 34.22 -14.34 13.66
C PRO B 209 34.11 -15.29 14.83
N SER B 210 35.07 -15.28 15.76
CA SER B 210 35.00 -16.07 16.98
C SER B 210 34.77 -15.23 18.22
N ASN B 211 34.87 -13.90 18.11
CA ASN B 211 34.63 -12.98 19.22
C ASN B 211 35.58 -13.26 20.40
N THR B 212 36.87 -13.15 20.11
CA THR B 212 37.91 -13.28 21.13
C THR B 212 38.93 -12.18 20.92
N LYS B 213 39.30 -11.52 22.03
CA LYS B 213 40.27 -10.43 22.00
C LYS B 213 41.49 -10.88 22.79
N VAL B 214 42.62 -11.05 22.10
CA VAL B 214 43.84 -11.56 22.70
C VAL B 214 44.98 -10.59 22.37
N ASP B 215 45.64 -10.08 23.40
CA ASP B 215 46.83 -9.26 23.27
C ASP B 215 48.00 -9.97 23.92
N LYS B 216 49.16 -9.96 23.24
CA LYS B 216 50.34 -10.68 23.71
C LYS B 216 51.55 -9.76 23.65
N LYS B 217 52.29 -9.73 24.76
CA LYS B 217 53.49 -8.90 24.86
C LYS B 217 54.70 -9.66 24.32
N VAL B 218 55.52 -8.96 23.54
CA VAL B 218 56.69 -9.55 22.89
C VAL B 218 57.93 -9.04 23.61
N GLU B 219 58.67 -9.96 24.24
CA GLU B 219 59.89 -9.64 24.96
C GLU B 219 60.91 -10.76 24.74
N PRO B 220 62.19 -10.42 24.61
CA PRO B 220 63.27 -11.41 24.43
C PRO B 220 63.36 -12.40 25.59
N ASP C 1 25.40 -12.49 -24.30
CA ASP C 1 25.66 -11.36 -23.41
C ASP C 1 26.89 -10.59 -23.87
N ILE C 2 27.62 -10.01 -22.91
CA ILE C 2 28.79 -9.20 -23.18
C ILE C 2 29.95 -9.76 -22.35
N GLN C 3 30.90 -10.42 -23.02
CA GLN C 3 32.07 -10.96 -22.36
C GLN C 3 33.27 -10.04 -22.56
N MET C 4 34.15 -10.00 -21.56
CA MET C 4 35.32 -9.14 -21.57
C MET C 4 36.59 -9.95 -21.68
N THR C 5 37.55 -9.44 -22.44
CA THR C 5 38.86 -10.07 -22.62
C THR C 5 39.93 -9.01 -22.35
N GLN C 6 40.60 -9.12 -21.21
CA GLN C 6 41.56 -8.12 -20.76
C GLN C 6 42.97 -8.61 -21.03
N SER C 7 43.79 -7.75 -21.66
CA SER C 7 45.17 -8.08 -22.00
C SER C 7 46.04 -6.86 -21.73
N PRO C 8 47.26 -7.07 -21.22
CA PRO C 8 47.85 -8.36 -20.87
C PRO C 8 47.30 -8.92 -19.55
N SER C 9 47.55 -10.21 -19.30
CA SER C 9 47.12 -10.82 -18.04
C SER C 9 48.05 -10.42 -16.90
N THR C 10 49.34 -10.28 -17.18
CA THR C 10 50.33 -9.84 -16.18
C THR C 10 51.43 -9.08 -16.89
N LEU C 11 51.69 -7.85 -16.44
CA LEU C 11 52.70 -7.00 -17.04
C LEU C 11 53.63 -6.47 -15.95
N SER C 12 54.92 -6.36 -16.28
CA SER C 12 55.92 -5.85 -15.36
C SER C 12 56.69 -4.72 -16.03
N ALA C 13 56.76 -3.58 -15.35
CA ALA C 13 57.47 -2.42 -15.87
C ALA C 13 58.04 -1.61 -14.72
N SER C 14 59.01 -0.75 -15.05
CA SER C 14 59.69 0.04 -14.05
C SER C 14 58.87 1.28 -13.69
N VAL C 15 59.30 1.95 -12.62
CA VAL C 15 58.62 3.16 -12.18
C VAL C 15 58.82 4.26 -13.22
N GLY C 16 57.73 4.84 -13.69
CA GLY C 16 57.78 5.86 -14.72
C GLY C 16 57.65 5.36 -16.13
N ASP C 17 57.26 4.10 -16.32
CA ASP C 17 57.11 3.51 -17.64
C ASP C 17 55.65 3.55 -18.05
N ARG C 18 55.40 3.97 -19.30
CA ARG C 18 54.04 4.04 -19.82
C ARG C 18 53.46 2.63 -19.96
N VAL C 19 52.29 2.42 -19.40
CA VAL C 19 51.61 1.12 -19.41
C VAL C 19 50.18 1.33 -19.87
N THR C 20 49.76 0.55 -20.87
CA THR C 20 48.41 0.62 -21.40
C THR C 20 47.78 -0.75 -21.38
N ILE C 21 46.56 -0.83 -20.85
CA ILE C 21 45.79 -2.07 -20.82
C ILE C 21 44.72 -1.99 -21.90
N THR C 22 44.55 -3.07 -22.64
CA THR C 22 43.56 -3.15 -23.70
C THR C 22 42.48 -4.15 -23.30
N CYS C 23 41.23 -3.70 -23.29
CA CYS C 23 40.10 -4.52 -22.85
C CYS C 23 39.01 -4.44 -23.92
N SER C 24 38.82 -5.54 -24.64
CA SER C 24 37.86 -5.62 -25.72
C SER C 24 36.60 -6.36 -25.27
N ALA C 25 35.49 -6.05 -25.93
CA ALA C 25 34.20 -6.63 -25.63
C ALA C 25 33.69 -7.46 -26.81
N SER C 26 32.65 -8.24 -26.56
CA SER C 26 32.07 -9.07 -27.61
C SER C 26 31.19 -8.25 -28.54
N SER C 27 30.13 -7.64 -28.01
CA SER C 27 29.21 -6.84 -28.78
C SER C 27 29.52 -5.36 -28.61
N ARG C 28 28.81 -4.54 -29.38
CA ARG C 28 29.03 -3.09 -29.34
C ARG C 28 28.58 -2.53 -27.99
N VAL C 29 29.48 -1.81 -27.33
CA VAL C 29 29.23 -1.25 -26.00
C VAL C 29 29.52 0.24 -26.04
N GLY C 30 28.63 1.03 -25.45
CA GLY C 30 28.76 2.47 -25.49
C GLY C 30 29.84 3.03 -24.57
N TYR C 31 29.74 2.73 -23.27
CA TYR C 31 30.65 3.27 -22.27
C TYR C 31 31.42 2.14 -21.61
N MET C 32 32.65 2.44 -21.20
CA MET C 32 33.50 1.49 -20.51
C MET C 32 34.11 2.15 -19.28
N HIS C 33 34.27 1.39 -18.21
CA HIS C 33 34.76 1.91 -16.94
C HIS C 33 35.91 1.04 -16.45
N TRP C 34 36.63 1.54 -15.46
CA TRP C 34 37.82 0.87 -14.94
C TRP C 34 37.86 0.98 -13.42
N TYR C 35 38.53 0.02 -12.79
CA TYR C 35 38.61 -0.03 -11.34
C TYR C 35 40.01 -0.46 -10.92
N GLN C 36 40.35 -0.10 -9.68
CA GLN C 36 41.62 -0.47 -9.06
C GLN C 36 41.32 -1.12 -7.73
N GLN C 37 41.96 -2.26 -7.47
CA GLN C 37 41.80 -2.97 -6.21
C GLN C 37 43.18 -3.22 -5.61
N LYS C 38 43.49 -2.51 -4.52
CA LYS C 38 44.67 -2.82 -3.74
C LYS C 38 44.50 -4.16 -3.05
N PRO C 39 45.60 -4.85 -2.72
CA PRO C 39 45.48 -6.16 -2.07
C PRO C 39 44.74 -6.07 -0.74
N GLY C 40 43.62 -6.78 -0.67
CA GLY C 40 42.77 -6.81 0.51
C GLY C 40 41.70 -5.75 0.54
N LYS C 41 41.95 -4.58 -0.06
CA LYS C 41 41.02 -3.47 0.00
C LYS C 41 39.89 -3.65 -1.02
N ALA C 42 38.83 -2.87 -0.83
CA ALA C 42 37.75 -2.82 -1.79
C ALA C 42 38.20 -2.07 -3.05
N PRO C 43 37.59 -2.36 -4.20
CA PRO C 43 37.96 -1.65 -5.43
C PRO C 43 37.69 -0.16 -5.32
N LYS C 44 38.31 0.58 -6.24
CA LYS C 44 38.16 2.02 -6.32
C LYS C 44 37.98 2.41 -7.78
N LEU C 45 37.03 3.30 -8.04
CA LEU C 45 36.75 3.73 -9.41
C LEU C 45 37.88 4.62 -9.92
N LEU C 46 38.51 4.19 -11.02
CA LEU C 46 39.55 5.00 -11.65
C LEU C 46 38.97 5.82 -12.79
N ILE C 47 38.64 5.15 -13.89
CA ILE C 47 38.13 5.79 -15.10
C ILE C 47 36.65 5.45 -15.24
N TYR C 48 35.83 6.49 -15.44
CA TYR C 48 34.41 6.32 -15.70
C TYR C 48 34.08 6.96 -17.04
N ASP C 49 33.17 6.34 -17.78
CA ASP C 49 32.75 6.80 -19.10
C ASP C 49 33.95 6.92 -20.05
N THR C 50 34.58 5.77 -20.28
CA THR C 50 35.66 5.62 -21.26
C THR C 50 36.86 6.51 -20.99
N SER C 51 36.68 7.83 -21.04
CA SER C 51 37.80 8.77 -20.98
C SER C 51 37.85 9.61 -19.72
N LYS C 52 36.70 9.95 -19.13
CA LYS C 52 36.70 10.82 -17.96
C LYS C 52 37.34 10.12 -16.76
N LEU C 53 37.97 10.92 -15.91
CA LEU C 53 38.69 10.42 -14.75
C LEU C 53 37.92 10.77 -13.48
N ALA C 54 37.81 9.81 -12.58
CA ALA C 54 37.09 10.01 -11.34
C ALA C 54 37.90 10.87 -10.37
N SER C 55 37.22 11.40 -9.36
CA SER C 55 37.87 12.23 -8.36
C SER C 55 38.64 11.35 -7.37
N GLY C 56 39.64 11.97 -6.73
CA GLY C 56 40.51 11.26 -5.82
C GLY C 56 41.60 10.45 -6.49
N VAL C 57 41.78 10.59 -7.80
CA VAL C 57 42.79 9.87 -8.56
C VAL C 57 43.61 10.87 -9.34
N PRO C 58 44.95 10.80 -9.28
CA PRO C 58 45.76 11.76 -10.04
C PRO C 58 45.56 11.62 -11.54
N SER C 59 45.95 12.66 -12.26
CA SER C 59 45.85 12.69 -13.72
C SER C 59 46.82 11.72 -14.40
N ARG C 60 47.57 10.94 -13.62
CA ARG C 60 48.47 9.95 -14.17
C ARG C 60 47.73 8.91 -15.01
N PHE C 61 46.48 8.60 -14.65
CA PHE C 61 45.69 7.62 -15.36
C PHE C 61 44.83 8.29 -16.43
N SER C 62 44.77 7.66 -17.60
CA SER C 62 43.98 8.16 -18.72
C SER C 62 43.45 6.98 -19.53
N GLY C 63 42.28 7.18 -20.13
CA GLY C 63 41.65 6.16 -20.93
C GLY C 63 41.14 6.74 -22.24
N SER C 64 40.79 5.83 -23.15
CA SER C 64 40.26 6.18 -24.45
C SER C 64 39.66 4.93 -25.08
N GLY C 65 38.84 5.13 -26.10
CA GLY C 65 38.24 4.02 -26.82
C GLY C 65 36.73 4.09 -26.93
N SER C 66 36.18 3.32 -27.87
CA SER C 66 34.74 3.29 -28.10
C SER C 66 34.39 1.99 -28.81
N GLY C 67 33.10 1.73 -28.92
CA GLY C 67 32.63 0.54 -29.62
C GLY C 67 33.00 -0.75 -28.91
N THR C 68 33.86 -1.55 -29.53
CA THR C 68 34.23 -2.87 -29.00
C THR C 68 35.66 -2.91 -28.48
N GLU C 69 36.35 -1.78 -28.44
CA GLU C 69 37.73 -1.71 -27.97
C GLU C 69 37.90 -0.54 -27.02
N PHE C 70 38.66 -0.76 -25.96
CA PHE C 70 38.92 0.28 -24.97
C PHE C 70 40.32 0.10 -24.40
N THR C 71 40.94 1.21 -24.03
CA THR C 71 42.28 1.22 -23.48
C THR C 71 42.35 2.08 -22.24
N LEU C 72 43.20 1.66 -21.31
CA LEU C 72 43.52 2.43 -20.10
C LEU C 72 45.03 2.64 -20.08
N THR C 73 45.45 3.90 -20.17
CA THR C 73 46.86 4.25 -20.31
C THR C 73 47.36 4.94 -19.05
N ILE C 74 48.46 4.44 -18.49
CA ILE C 74 49.16 5.07 -17.39
C ILE C 74 50.35 5.82 -17.95
N SER C 75 50.45 7.12 -17.65
CA SER C 75 51.54 7.93 -18.17
C SER C 75 52.88 7.45 -17.63
N SER C 76 53.07 7.56 -16.32
CA SER C 76 54.30 7.12 -15.65
C SER C 76 53.92 6.22 -14.48
N LEU C 77 54.40 4.98 -14.50
CA LEU C 77 54.06 4.04 -13.44
C LEU C 77 54.67 4.50 -12.11
N GLN C 78 54.00 4.13 -11.02
CA GLN C 78 54.41 4.48 -9.67
C GLN C 78 54.38 3.23 -8.80
N PRO C 79 55.22 3.17 -7.77
CA PRO C 79 55.18 2.01 -6.85
C PRO C 79 53.86 1.86 -6.13
N ASP C 80 53.08 2.94 -5.98
CA ASP C 80 51.77 2.87 -5.35
C ASP C 80 50.67 2.45 -6.33
N ASP C 81 51.02 2.13 -7.58
CA ASP C 81 50.05 1.67 -8.56
C ASP C 81 49.96 0.14 -8.61
N PHE C 82 50.76 -0.56 -7.82
CA PHE C 82 50.70 -2.01 -7.75
C PHE C 82 49.31 -2.45 -7.29
N ALA C 83 48.53 -3.03 -8.19
CA ALA C 83 47.19 -3.50 -7.88
C ALA C 83 46.72 -4.38 -9.04
N THR C 84 45.47 -4.80 -8.97
CA THR C 84 44.82 -5.56 -10.03
C THR C 84 43.69 -4.71 -10.59
N TYR C 85 43.82 -4.31 -11.84
CA TYR C 85 42.86 -3.41 -12.48
C TYR C 85 41.84 -4.20 -13.28
N TYR C 86 40.60 -3.71 -13.29
CA TYR C 86 39.51 -4.35 -14.02
C TYR C 86 38.87 -3.35 -14.97
N CYS C 87 38.20 -3.89 -15.99
CA CYS C 87 37.36 -3.10 -16.88
C CYS C 87 35.92 -3.59 -16.75
N PHE C 88 35.02 -2.69 -16.40
CA PHE C 88 33.63 -3.02 -16.13
C PHE C 88 32.72 -2.32 -17.14
N GLN C 89 31.66 -2.99 -17.55
CA GLN C 89 30.69 -2.44 -18.49
C GLN C 89 29.34 -2.27 -17.80
N GLY C 90 28.66 -1.16 -18.12
CA GLY C 90 27.34 -0.90 -17.59
C GLY C 90 26.34 -0.63 -18.69
N SER C 91 26.59 -1.20 -19.87
CA SER C 91 25.74 -0.98 -21.02
C SER C 91 24.70 -2.06 -21.21
N GLY C 92 24.80 -3.18 -20.49
CA GLY C 92 23.86 -4.26 -20.64
C GLY C 92 23.96 -5.22 -19.48
N TYR C 93 22.88 -5.98 -19.30
CA TYR C 93 22.82 -7.00 -18.27
C TYR C 93 23.14 -8.38 -18.85
N PRO C 94 23.83 -9.25 -18.09
CA PRO C 94 24.27 -9.00 -16.71
C PRO C 94 25.53 -8.14 -16.66
N PHE C 95 25.73 -7.41 -15.57
CA PHE C 95 26.94 -6.62 -15.42
C PHE C 95 28.15 -7.53 -15.32
N THR C 96 29.15 -7.27 -16.15
CA THR C 96 30.33 -8.12 -16.23
C THR C 96 31.59 -7.29 -16.03
N PHE C 97 32.60 -7.92 -15.46
CA PHE C 97 33.90 -7.29 -15.23
C PHE C 97 34.93 -7.87 -16.18
N GLY C 98 36.13 -7.27 -16.15
CA GLY C 98 37.21 -7.72 -16.99
C GLY C 98 37.80 -9.04 -16.51
N GLY C 99 38.90 -9.41 -17.15
CA GLY C 99 39.60 -10.63 -16.80
C GLY C 99 40.44 -10.51 -15.54
N GLY C 100 41.21 -9.43 -15.44
CA GLY C 100 42.04 -9.22 -14.28
C GLY C 100 43.51 -9.06 -14.62
N THR C 101 43.99 -7.82 -14.66
CA THR C 101 45.37 -7.51 -14.95
C THR C 101 46.09 -7.15 -13.65
N LYS C 102 47.01 -8.01 -13.22
CA LYS C 102 47.80 -7.77 -12.03
C LYS C 102 49.16 -7.22 -12.46
N VAL C 103 49.43 -5.97 -12.09
CA VAL C 103 50.65 -5.28 -12.48
C VAL C 103 51.68 -5.44 -11.37
N GLU C 104 52.93 -5.68 -11.77
CA GLU C 104 54.05 -5.77 -10.84
C GLU C 104 55.10 -4.74 -11.20
N ILE C 105 55.76 -4.19 -10.17
CA ILE C 105 56.79 -3.19 -10.36
C ILE C 105 58.10 -3.88 -10.73
N LYS C 106 58.85 -3.27 -11.65
CA LYS C 106 60.22 -3.69 -11.94
C LYS C 106 61.17 -3.00 -10.98
N ARG C 107 62.00 -3.79 -10.31
CA ARG C 107 62.75 -3.33 -9.15
C ARG C 107 64.18 -3.81 -9.25
N THR C 108 65.09 -3.00 -8.70
CA THR C 108 66.48 -3.43 -8.58
C THR C 108 66.57 -4.66 -7.69
N VAL C 109 67.48 -5.57 -8.06
CA VAL C 109 67.66 -6.82 -7.33
C VAL C 109 68.02 -6.52 -5.88
N ALA C 110 67.08 -6.77 -4.97
CA ALA C 110 67.27 -6.47 -3.55
C ALA C 110 67.68 -7.73 -2.81
N ALA C 111 68.72 -7.61 -1.98
CA ALA C 111 69.20 -8.72 -1.16
C ALA C 111 68.42 -8.78 0.15
N PRO C 112 67.82 -9.92 0.49
CA PRO C 112 66.98 -9.97 1.69
C PRO C 112 67.79 -10.10 2.96
N SER C 113 67.12 -9.82 4.07
CA SER C 113 67.65 -10.05 5.41
C SER C 113 67.03 -11.32 5.97
N VAL C 114 67.87 -12.22 6.48
CA VAL C 114 67.43 -13.53 6.94
C VAL C 114 67.41 -13.53 8.47
N PHE C 115 66.29 -14.00 9.03
CA PHE C 115 66.14 -14.15 10.46
C PHE C 115 65.70 -15.56 10.78
N ILE C 116 65.74 -15.91 12.07
CA ILE C 116 65.32 -17.23 12.52
C ILE C 116 64.78 -17.09 13.93
N PHE C 117 63.72 -17.84 14.23
CA PHE C 117 63.07 -17.75 15.53
C PHE C 117 62.76 -19.14 16.08
N PRO C 118 63.32 -19.49 17.23
CA PRO C 118 62.98 -20.77 17.86
C PRO C 118 61.58 -20.75 18.44
N PRO C 119 60.99 -21.90 18.72
CA PRO C 119 59.65 -21.92 19.31
C PRO C 119 59.67 -21.40 20.74
N SER C 120 58.58 -20.72 21.10
CA SER C 120 58.47 -20.13 22.43
C SER C 120 58.11 -21.21 23.46
N ASP C 121 58.27 -20.85 24.74
CA ASP C 121 57.95 -21.79 25.81
C ASP C 121 56.45 -22.03 25.92
N GLU C 122 55.63 -21.04 25.55
CA GLU C 122 54.18 -21.23 25.61
C GLU C 122 53.72 -22.30 24.63
N GLN C 123 54.36 -22.38 23.46
CA GLN C 123 53.99 -23.39 22.49
C GLN C 123 54.49 -24.77 22.91
N LEU C 124 55.68 -24.83 23.53
CA LEU C 124 56.21 -26.10 24.00
C LEU C 124 55.38 -26.67 25.14
N LYS C 125 54.75 -25.80 25.93
CA LYS C 125 53.85 -26.26 26.99
C LYS C 125 52.52 -26.78 26.44
N SER C 126 52.25 -26.57 25.15
CA SER C 126 51.04 -27.09 24.53
C SER C 126 51.28 -28.39 23.77
N GLY C 127 52.52 -28.75 23.50
CA GLY C 127 52.85 -29.98 22.79
C GLY C 127 53.27 -29.82 21.35
N THR C 128 53.49 -28.59 20.87
CA THR C 128 53.86 -28.35 19.50
C THR C 128 55.05 -27.40 19.45
N ALA C 129 55.76 -27.41 18.34
CA ALA C 129 56.90 -26.53 18.11
C ALA C 129 56.89 -26.06 16.67
N SER C 130 57.14 -24.77 16.45
CA SER C 130 57.12 -24.18 15.12
C SER C 130 58.28 -23.22 14.99
N VAL C 131 59.27 -23.57 14.17
CA VAL C 131 60.40 -22.71 13.89
C VAL C 131 60.09 -21.90 12.64
N VAL C 132 60.20 -20.58 12.75
CA VAL C 132 59.85 -19.65 11.67
C VAL C 132 61.12 -19.00 11.16
N CYS C 133 61.35 -19.08 9.85
CA CYS C 133 62.48 -18.44 9.20
C CYS C 133 61.96 -17.25 8.40
N LEU C 134 62.46 -16.06 8.71
CA LEU C 134 61.93 -14.82 8.16
C LEU C 134 62.78 -14.32 6.99
N LEU C 135 62.11 -13.95 5.91
CA LEU C 135 62.73 -13.24 4.80
C LEU C 135 62.02 -11.90 4.64
N ASN C 136 62.80 -10.86 4.33
CA ASN C 136 62.22 -9.52 4.26
C ASN C 136 62.97 -8.69 3.22
N ASN C 137 62.21 -7.93 2.44
CA ASN C 137 62.74 -6.95 1.51
C ASN C 137 63.72 -7.56 0.50
N PHE C 138 63.18 -8.15 -0.57
CA PHE C 138 64.01 -8.72 -1.61
C PHE C 138 63.31 -8.57 -2.94
N TYR C 139 64.06 -8.81 -4.02
CA TYR C 139 63.52 -8.77 -5.37
C TYR C 139 64.46 -9.54 -6.28
N PRO C 140 63.94 -10.36 -7.20
CA PRO C 140 62.51 -10.60 -7.42
C PRO C 140 61.88 -11.60 -6.47
N ARG C 141 60.75 -12.19 -6.89
CA ARG C 141 60.00 -13.12 -6.06
C ARG C 141 60.69 -14.47 -5.89
N GLU C 142 61.70 -14.76 -6.72
CA GLU C 142 62.33 -16.08 -6.70
C GLU C 142 63.24 -16.21 -5.49
N ALA C 143 62.92 -17.17 -4.62
CA ALA C 143 63.74 -17.46 -3.45
C ALA C 143 63.42 -18.87 -2.98
N LYS C 144 64.45 -19.59 -2.57
CA LYS C 144 64.33 -20.99 -2.15
C LYS C 144 64.80 -21.12 -0.71
N VAL C 145 63.93 -21.63 0.15
CA VAL C 145 64.23 -21.85 1.56
C VAL C 145 64.22 -23.36 1.80
N GLN C 146 65.38 -23.91 2.12
CA GLN C 146 65.54 -25.34 2.39
C GLN C 146 65.96 -25.52 3.85
N TRP C 147 65.06 -26.07 4.65
CA TRP C 147 65.38 -26.33 6.04
C TRP C 147 66.40 -27.47 6.16
N LYS C 148 67.19 -27.41 7.23
CA LYS C 148 68.19 -28.44 7.51
C LYS C 148 68.22 -28.71 9.00
N VAL C 149 67.79 -29.90 9.41
CA VAL C 149 67.81 -30.33 10.79
C VAL C 149 68.93 -31.35 10.95
N ASP C 150 70.03 -30.92 11.56
CA ASP C 150 71.22 -31.75 11.76
C ASP C 150 71.78 -32.22 10.41
N ASN C 151 72.05 -31.26 9.52
CA ASN C 151 72.62 -31.51 8.20
C ASN C 151 71.73 -32.46 7.37
N ALA C 152 70.43 -32.41 7.60
CA ALA C 152 69.48 -33.26 6.90
C ALA C 152 68.34 -32.41 6.36
N LEU C 153 68.03 -32.56 5.07
CA LEU C 153 67.01 -31.74 4.43
C LEU C 153 65.62 -32.10 4.96
N GLN C 154 64.75 -31.10 5.01
CA GLN C 154 63.38 -31.25 5.47
C GLN C 154 62.40 -30.95 4.33
N SER C 155 61.30 -31.68 4.31
CA SER C 155 60.27 -31.48 3.30
C SER C 155 58.96 -32.03 3.82
N GLY C 156 57.86 -31.34 3.50
CA GLY C 156 56.54 -31.74 3.92
C GLY C 156 56.09 -31.18 5.25
N ASN C 157 57.02 -30.69 6.07
CA ASN C 157 56.69 -30.11 7.37
C ASN C 157 57.02 -28.62 7.43
N SER C 158 57.23 -27.99 6.28
CA SER C 158 57.56 -26.57 6.21
C SER C 158 56.57 -25.87 5.27
N GLN C 159 56.10 -24.71 5.69
CA GLN C 159 55.12 -23.95 4.94
C GLN C 159 55.57 -22.50 4.80
N GLU C 160 55.36 -21.93 3.61
CA GLU C 160 55.87 -20.61 3.28
C GLU C 160 54.71 -19.70 2.88
N SER C 161 54.63 -18.53 3.52
CA SER C 161 53.63 -17.51 3.20
C SER C 161 54.35 -16.27 2.68
N VAL C 162 53.87 -15.73 1.57
CA VAL C 162 54.51 -14.62 0.88
C VAL C 162 53.62 -13.39 1.00
N THR C 163 54.22 -12.26 1.37
CA THR C 163 53.49 -11.00 1.43
C THR C 163 53.40 -10.38 0.04
N GLU C 164 52.29 -9.70 -0.22
CA GLU C 164 52.12 -9.00 -1.48
C GLU C 164 53.15 -7.88 -1.62
N GLN C 165 53.29 -7.38 -2.85
CA GLN C 165 54.29 -6.36 -3.13
C GLN C 165 53.99 -5.09 -2.36
N ASP C 166 55.01 -4.51 -1.76
CA ASP C 166 54.83 -3.27 -1.03
C ASP C 166 54.62 -2.11 -1.99
N SER C 167 53.85 -1.12 -1.54
CA SER C 167 53.51 0.03 -2.36
C SER C 167 54.49 1.19 -2.17
N LYS C 168 55.48 1.06 -1.30
CA LYS C 168 56.49 2.08 -1.09
C LYS C 168 57.85 1.70 -1.68
N ASP C 169 58.29 0.46 -1.47
CA ASP C 169 59.59 0.00 -1.93
C ASP C 169 59.52 -1.13 -2.95
N SER C 170 58.34 -1.71 -3.16
CA SER C 170 58.16 -2.81 -4.12
C SER C 170 59.05 -4.00 -3.78
N THR C 171 59.03 -4.41 -2.51
CA THR C 171 59.77 -5.55 -2.03
C THR C 171 58.79 -6.59 -1.47
N TYR C 172 59.33 -7.77 -1.17
CA TYR C 172 58.53 -8.90 -0.72
C TYR C 172 58.94 -9.33 0.67
N SER C 173 58.15 -10.25 1.23
CA SER C 173 58.42 -10.81 2.55
C SER C 173 57.96 -12.27 2.56
N LEU C 174 58.79 -13.15 3.11
CA LEU C 174 58.48 -14.58 3.19
C LEU C 174 58.72 -15.08 4.61
N SER C 175 57.89 -16.02 5.05
CA SER C 175 57.99 -16.60 6.39
C SER C 175 57.80 -18.10 6.27
N SER C 176 58.91 -18.84 6.26
CA SER C 176 58.85 -20.30 6.20
C SER C 176 58.63 -20.84 7.61
N THR C 177 57.53 -21.56 7.80
CA THR C 177 57.14 -22.08 9.12
C THR C 177 57.32 -23.59 9.12
N LEU C 178 58.36 -24.06 9.81
CA LEU C 178 58.61 -25.49 9.96
C LEU C 178 57.78 -26.03 11.12
N THR C 179 56.91 -27.00 10.83
CA THR C 179 55.97 -27.54 11.80
C THR C 179 56.42 -28.93 12.23
N LEU C 180 56.62 -29.11 13.55
CA LEU C 180 56.95 -30.40 14.14
C LEU C 180 56.30 -30.51 15.51
N SER C 181 56.35 -31.70 16.08
CA SER C 181 55.79 -31.93 17.40
C SER C 181 56.83 -31.65 18.48
N LYS C 182 56.39 -31.74 19.74
CA LYS C 182 57.30 -31.49 20.85
C LYS C 182 58.32 -32.61 21.00
N ALA C 183 57.95 -33.84 20.64
CA ALA C 183 58.88 -34.95 20.78
C ALA C 183 59.99 -34.89 19.75
N ASP C 184 59.66 -34.56 18.50
CA ASP C 184 60.66 -34.45 17.44
C ASP C 184 61.51 -33.19 17.54
N TYR C 185 61.14 -32.24 18.42
CA TYR C 185 61.96 -31.06 18.61
C TYR C 185 63.08 -31.30 19.62
N GLU C 186 62.77 -31.98 20.73
CA GLU C 186 63.77 -32.33 21.73
C GLU C 186 64.56 -33.58 21.36
N LYS C 187 64.43 -34.05 20.13
CA LYS C 187 65.18 -35.20 19.63
C LYS C 187 66.44 -34.81 18.89
N HIS C 188 66.46 -33.64 18.26
CA HIS C 188 67.60 -33.15 17.49
C HIS C 188 68.29 -32.03 18.26
N LYS C 189 69.31 -31.44 17.63
CA LYS C 189 70.12 -30.41 18.28
C LYS C 189 70.05 -29.08 17.53
N VAL C 190 70.68 -28.97 16.36
CA VAL C 190 70.73 -27.69 15.65
C VAL C 190 69.57 -27.61 14.67
N TYR C 191 69.24 -26.39 14.27
CA TYR C 191 68.16 -26.13 13.31
C TYR C 191 68.58 -24.95 12.43
N ALA C 192 68.85 -25.22 11.16
CA ALA C 192 69.33 -24.22 10.23
C ALA C 192 68.27 -23.90 9.18
N CYS C 193 68.42 -22.73 8.56
CA CYS C 193 67.53 -22.28 7.50
C CYS C 193 68.37 -21.78 6.34
N GLU C 194 68.45 -22.57 5.27
CA GLU C 194 69.24 -22.21 4.10
C GLU C 194 68.36 -21.44 3.11
N VAL C 195 68.83 -20.26 2.71
CA VAL C 195 68.09 -19.38 1.83
C VAL C 195 68.96 -19.08 0.61
N THR C 196 68.41 -19.28 -0.59
CA THR C 196 69.09 -19.01 -1.83
C THR C 196 68.27 -18.00 -2.63
N HIS C 197 68.86 -16.83 -2.89
CA HIS C 197 68.20 -15.76 -3.62
C HIS C 197 69.07 -15.35 -4.80
N GLN C 198 68.44 -14.66 -5.76
CA GLN C 198 69.20 -14.19 -6.91
C GLN C 198 70.17 -13.09 -6.54
N GLY C 199 69.84 -12.29 -5.51
CA GLY C 199 70.75 -11.25 -5.05
C GLY C 199 71.89 -11.76 -4.19
N LEU C 200 71.74 -12.94 -3.60
CA LEU C 200 72.80 -13.54 -2.80
C LEU C 200 73.64 -14.46 -3.68
N SER C 201 74.92 -14.15 -3.83
CA SER C 201 75.80 -15.00 -4.62
C SER C 201 76.02 -16.35 -3.96
N SER C 202 75.90 -16.42 -2.63
CA SER C 202 76.03 -17.67 -1.90
C SER C 202 74.89 -17.78 -0.89
N PRO C 203 74.35 -18.99 -0.70
CA PRO C 203 73.24 -19.17 0.25
C PRO C 203 73.67 -18.92 1.68
N VAL C 204 73.06 -17.92 2.32
CA VAL C 204 73.34 -17.61 3.71
C VAL C 204 72.60 -18.61 4.60
N THR C 205 73.22 -18.99 5.71
CA THR C 205 72.67 -19.96 6.63
C THR C 205 72.54 -19.36 8.02
N LYS C 206 71.34 -19.45 8.60
CA LYS C 206 71.07 -19.00 9.95
C LYS C 206 70.61 -20.19 10.79
N SER C 207 71.27 -20.42 11.92
CA SER C 207 71.00 -21.59 12.75
C SER C 207 71.16 -21.20 14.22
N PHE C 208 70.94 -22.19 15.09
CA PHE C 208 71.06 -22.02 16.53
C PHE C 208 71.18 -23.40 17.17
N ASN C 209 71.30 -23.41 18.49
CA ASN C 209 71.32 -24.63 19.27
C ASN C 209 70.10 -24.70 20.18
N ARG C 210 69.55 -25.90 20.34
CA ARG C 210 68.39 -26.09 21.20
C ARG C 210 68.77 -25.84 22.65
N GLY C 211 68.22 -24.78 23.24
CA GLY C 211 68.51 -24.43 24.61
C GLY C 211 69.91 -23.87 24.81
N VAL D 2 -31.16 20.73 5.38
CA VAL D 2 -32.06 20.43 4.27
C VAL D 2 -33.19 19.51 4.73
N GLN D 3 -34.42 19.97 4.56
CA GLN D 3 -35.62 19.21 4.95
C GLN D 3 -36.53 19.04 3.75
N LEU D 4 -37.27 17.93 3.74
CA LEU D 4 -38.14 17.58 2.62
C LEU D 4 -39.51 17.15 3.14
N VAL D 5 -40.56 17.68 2.52
CA VAL D 5 -41.95 17.37 2.88
C VAL D 5 -42.71 17.08 1.59
N GLN D 6 -43.51 16.01 1.60
CA GLN D 6 -44.21 15.55 0.41
C GLN D 6 -45.67 16.00 0.39
N SER D 7 -46.35 15.68 -0.70
CA SER D 7 -47.78 15.95 -0.87
C SER D 7 -48.31 15.20 -2.09
N GLY D 8 -48.99 14.08 -1.85
CA GLY D 8 -49.52 13.29 -2.93
C GLY D 8 -50.80 12.58 -2.56
N PRO D 9 -51.49 12.01 -3.55
CA PRO D 9 -52.73 11.28 -3.29
C PRO D 9 -52.44 9.91 -2.68
N GLY D 10 -53.31 9.53 -1.74
CA GLY D 10 -53.20 8.24 -1.10
C GLY D 10 -53.89 7.14 -1.89
N LEU D 11 -55.00 7.49 -2.53
CA LEU D 11 -55.69 6.60 -3.45
C LEU D 11 -55.68 7.23 -4.84
N VAL D 12 -55.41 6.41 -5.85
CA VAL D 12 -55.33 6.84 -7.23
C VAL D 12 -55.97 5.77 -8.10
N LYS D 13 -57.03 6.12 -8.82
CA LYS D 13 -57.69 5.16 -9.69
C LYS D 13 -56.74 4.71 -10.80
N PRO D 14 -56.87 3.47 -11.28
CA PRO D 14 -55.90 2.95 -12.24
C PRO D 14 -55.99 3.65 -13.59
N SER D 15 -54.89 3.53 -14.35
CA SER D 15 -54.77 4.12 -15.69
C SER D 15 -54.94 5.63 -15.66
N GLN D 16 -54.29 6.28 -14.70
CA GLN D 16 -54.29 7.74 -14.59
C GLN D 16 -52.93 8.18 -14.07
N THR D 17 -52.55 9.39 -14.41
CA THR D 17 -51.24 9.89 -14.00
C THR D 17 -51.26 10.31 -12.54
N LEU D 18 -50.12 10.12 -11.87
CA LEU D 18 -49.97 10.37 -10.45
C LEU D 18 -49.33 11.73 -10.22
N ALA D 19 -49.78 12.44 -9.18
CA ALA D 19 -49.37 13.81 -8.91
C ALA D 19 -48.71 13.89 -7.54
N LEU D 20 -47.43 13.57 -7.48
CA LEU D 20 -46.62 13.71 -6.27
C LEU D 20 -45.88 15.04 -6.29
N THR D 21 -45.54 15.52 -5.09
CA THR D 21 -44.85 16.79 -4.93
C THR D 21 -43.95 16.69 -3.71
N CYS D 22 -42.93 17.56 -3.66
CA CYS D 22 -42.01 17.59 -2.53
C CYS D 22 -41.41 18.98 -2.41
N THR D 23 -41.64 19.63 -1.27
CA THR D 23 -41.11 20.95 -1.01
C THR D 23 -39.75 20.86 -0.32
N VAL D 24 -38.84 21.75 -0.68
CA VAL D 24 -37.48 21.76 -0.16
C VAL D 24 -37.32 22.96 0.77
N SER D 25 -36.73 22.73 1.94
CA SER D 25 -36.47 23.77 2.92
C SER D 25 -35.06 23.58 3.46
N GLY D 26 -34.56 24.61 4.16
CA GLY D 26 -33.21 24.61 4.66
C GLY D 26 -32.15 24.92 3.62
N ALA D 27 -32.49 24.86 2.33
CA ALA D 27 -31.57 25.18 1.24
C ALA D 27 -32.41 25.48 0.01
N SER D 28 -31.99 26.49 -0.76
CA SER D 28 -32.73 26.87 -1.95
C SER D 28 -32.73 25.74 -2.98
N ILE D 29 -33.79 25.70 -3.79
CA ILE D 29 -33.92 24.64 -4.79
C ILE D 29 -32.87 24.78 -5.89
N ASN D 30 -32.33 25.98 -6.09
CA ASN D 30 -31.23 26.21 -7.01
C ASN D 30 -29.86 26.12 -6.33
N SER D 31 -29.74 25.28 -5.31
CA SER D 31 -28.46 25.13 -4.62
C SER D 31 -27.48 24.32 -5.47
N ASP D 32 -26.20 24.55 -5.22
CA ASP D 32 -25.15 23.91 -6.02
C ASP D 32 -24.97 22.46 -5.59
N ASN D 33 -24.87 21.56 -6.58
CA ASN D 33 -24.63 20.13 -6.35
C ASN D 33 -25.73 19.49 -5.50
N TYR D 34 -26.94 19.55 -6.04
CA TYR D 34 -28.10 18.93 -5.41
C TYR D 34 -28.89 18.21 -6.48
N TYR D 35 -29.06 16.91 -6.33
CA TYR D 35 -29.81 16.08 -7.25
C TYR D 35 -31.05 15.57 -6.52
N TRP D 36 -32.20 16.18 -6.84
CA TRP D 36 -33.46 15.85 -6.17
C TRP D 36 -33.96 14.51 -6.68
N THR D 37 -33.98 13.50 -5.81
CA THR D 37 -34.20 12.11 -6.20
C THR D 37 -35.54 11.62 -5.68
N TRP D 38 -36.22 10.80 -6.50
CA TRP D 38 -37.43 10.10 -6.09
C TRP D 38 -37.13 8.61 -5.96
N ILE D 39 -37.60 8.02 -4.86
CA ILE D 39 -37.39 6.59 -4.58
C ILE D 39 -38.64 6.05 -3.92
N ARG D 40 -39.15 4.94 -4.42
CA ARG D 40 -40.29 4.26 -3.82
C ARG D 40 -39.86 2.94 -3.22
N GLN D 41 -40.65 2.45 -2.27
CA GLN D 41 -40.33 1.23 -1.54
C GLN D 41 -41.50 0.27 -1.66
N ARG D 42 -41.24 -0.90 -2.23
CA ARG D 42 -42.28 -1.89 -2.41
C ARG D 42 -42.73 -2.47 -1.07
N PRO D 43 -43.98 -2.88 -0.96
CA PRO D 43 -44.45 -3.52 0.27
C PRO D 43 -43.86 -4.90 0.43
N GLY D 44 -43.37 -5.20 1.63
CA GLY D 44 -42.73 -6.46 1.92
C GLY D 44 -41.32 -6.61 1.38
N GLY D 45 -40.97 -5.88 0.32
CA GLY D 45 -39.64 -5.96 -0.24
C GLY D 45 -38.79 -4.74 0.09
N GLY D 46 -37.87 -4.39 -0.81
CA GLY D 46 -36.94 -3.32 -0.59
C GLY D 46 -37.30 -2.06 -1.35
N LEU D 47 -36.29 -1.25 -1.62
CA LEU D 47 -36.46 0.03 -2.30
C LEU D 47 -36.27 -0.12 -3.81
N GLU D 48 -36.63 0.94 -4.52
CA GLU D 48 -36.47 0.99 -5.97
C GLU D 48 -36.18 2.43 -6.38
N TRP D 49 -35.11 2.62 -7.15
CA TRP D 49 -34.71 3.96 -7.56
C TRP D 49 -35.54 4.40 -8.75
N ILE D 50 -36.30 5.49 -8.58
CA ILE D 50 -37.14 5.99 -9.66
C ILE D 50 -36.33 6.87 -10.62
N GLY D 51 -35.56 7.78 -10.07
CA GLY D 51 -34.78 8.72 -10.86
C GLY D 51 -34.67 10.04 -10.14
N HIS D 52 -33.74 10.88 -10.60
CA HIS D 52 -33.54 12.18 -10.01
C HIS D 52 -33.61 13.26 -11.09
N ILE D 53 -33.68 14.50 -10.62
CA ILE D 53 -33.66 15.67 -11.49
C ILE D 53 -32.67 16.67 -10.90
N SER D 54 -31.63 16.99 -11.67
CA SER D 54 -30.53 17.78 -11.13
C SER D 54 -30.97 19.21 -10.87
N TYR D 55 -30.12 19.94 -10.13
CA TYR D 55 -30.37 21.35 -9.91
C TYR D 55 -30.32 22.13 -11.22
N THR D 56 -29.56 21.65 -12.21
CA THR D 56 -29.52 22.31 -13.50
C THR D 56 -30.81 22.11 -14.28
N GLY D 57 -31.48 20.97 -14.08
CA GLY D 57 -32.67 20.61 -14.82
C GLY D 57 -32.55 19.30 -15.58
N ASN D 58 -31.35 18.72 -15.68
CA ASN D 58 -31.19 17.44 -16.35
C ASN D 58 -31.82 16.32 -15.52
N THR D 59 -32.65 15.51 -16.17
CA THR D 59 -33.36 14.42 -15.52
C THR D 59 -32.88 13.09 -16.07
N TYR D 60 -32.65 12.14 -15.17
CA TYR D 60 -32.31 10.77 -15.55
C TYR D 60 -33.34 9.83 -14.91
N TYR D 61 -34.06 9.10 -15.74
CA TYR D 61 -35.07 8.16 -15.29
C TYR D 61 -34.53 6.74 -15.43
N THR D 62 -34.98 5.85 -14.55
CA THR D 62 -34.55 4.47 -14.61
C THR D 62 -35.06 3.83 -15.91
N PRO D 63 -34.27 2.93 -16.52
CA PRO D 63 -34.68 2.37 -17.81
C PRO D 63 -36.00 1.62 -17.79
N SER D 64 -36.44 1.12 -16.63
CA SER D 64 -37.72 0.44 -16.59
C SER D 64 -38.88 1.42 -16.67
N LEU D 65 -38.68 2.65 -16.20
CA LEU D 65 -39.70 3.70 -16.23
C LEU D 65 -39.25 4.90 -17.04
N LYS D 66 -38.54 4.63 -18.15
CA LYS D 66 -37.95 5.72 -18.93
C LYS D 66 -39.01 6.56 -19.63
N SER D 67 -40.15 5.97 -19.97
CA SER D 67 -41.18 6.67 -20.72
C SER D 67 -42.33 7.15 -19.86
N ARG D 68 -42.43 6.69 -18.62
CA ARG D 68 -43.58 7.00 -17.78
C ARG D 68 -43.32 8.14 -16.79
N LEU D 69 -42.08 8.61 -16.68
CA LEU D 69 -41.72 9.60 -15.67
C LEU D 69 -41.65 11.00 -16.27
N SER D 70 -41.83 11.99 -15.40
CA SER D 70 -41.83 13.39 -15.83
C SER D 70 -41.66 14.31 -14.62
N MET D 71 -40.41 14.50 -14.19
CA MET D 71 -40.10 15.30 -13.00
C MET D 71 -39.96 16.77 -13.36
N SER D 72 -40.36 17.62 -12.42
CA SER D 72 -40.44 19.06 -12.65
C SER D 72 -39.64 19.80 -11.57
N LEU D 73 -39.35 21.07 -11.86
CA LEU D 73 -38.65 21.97 -10.93
C LEU D 73 -39.40 23.29 -10.90
N GLU D 74 -40.18 23.52 -9.85
CA GLU D 74 -40.89 24.78 -9.65
C GLU D 74 -40.04 25.64 -8.73
N THR D 75 -39.15 26.43 -9.33
CA THR D 75 -38.20 27.21 -8.56
C THR D 75 -38.89 28.33 -7.79
N SER D 76 -39.92 28.92 -8.38
CA SER D 76 -40.64 30.01 -7.73
C SER D 76 -41.29 29.58 -6.41
N GLN D 77 -41.55 28.29 -6.24
CA GLN D 77 -42.07 27.76 -4.97
C GLN D 77 -41.07 26.88 -4.25
N SER D 78 -39.87 26.71 -4.80
CA SER D 78 -38.81 25.88 -4.21
C SER D 78 -39.32 24.47 -3.89
N GLN D 79 -39.73 23.78 -4.95
CA GLN D 79 -40.24 22.42 -4.82
C GLN D 79 -40.09 21.70 -6.16
N PHE D 80 -40.05 20.38 -6.09
CA PHE D 80 -39.99 19.53 -7.26
C PHE D 80 -41.00 18.41 -7.13
N SER D 81 -41.58 18.01 -8.25
CA SER D 81 -42.70 17.08 -8.26
C SER D 81 -42.33 15.81 -9.02
N LEU D 82 -43.19 14.79 -8.87
CA LEU D 82 -43.06 13.53 -9.56
C LEU D 82 -44.37 13.21 -10.27
N ARG D 83 -44.26 12.67 -11.48
CA ARG D 83 -45.43 12.33 -12.28
C ARG D 83 -45.20 10.98 -12.93
N LEU D 84 -46.08 10.02 -12.67
CA LEU D 84 -46.03 8.69 -13.23
C LEU D 84 -47.29 8.47 -14.06
N THR D 85 -47.11 8.16 -15.34
CA THR D 85 -48.22 8.11 -16.29
C THR D 85 -48.83 6.71 -16.34
N SER D 86 -50.17 6.66 -16.28
CA SER D 86 -50.95 5.43 -16.41
C SER D 86 -50.53 4.40 -15.37
N VAL D 87 -50.93 4.68 -14.13
CA VAL D 87 -50.54 3.82 -13.01
C VAL D 87 -51.33 2.52 -13.06
N THR D 88 -50.70 1.46 -12.58
CA THR D 88 -51.31 0.15 -12.47
C THR D 88 -51.28 -0.29 -11.00
N ALA D 89 -51.67 -1.53 -10.75
CA ALA D 89 -51.63 -2.08 -9.40
C ALA D 89 -50.24 -2.47 -8.96
N ALA D 90 -49.27 -2.53 -9.88
CA ALA D 90 -47.90 -2.86 -9.52
C ALA D 90 -47.14 -1.65 -8.97
N ASP D 91 -47.64 -0.44 -9.19
CA ASP D 91 -46.98 0.77 -8.71
C ASP D 91 -47.37 1.14 -7.29
N SER D 92 -48.26 0.38 -6.66
CA SER D 92 -48.65 0.66 -5.28
C SER D 92 -47.46 0.42 -4.37
N ALA D 93 -47.00 1.47 -3.71
CA ALA D 93 -45.85 1.41 -2.82
C ALA D 93 -45.83 2.69 -1.99
N VAL D 94 -44.84 2.78 -1.11
CA VAL D 94 -44.59 4.01 -0.37
C VAL D 94 -43.54 4.80 -1.13
N TYR D 95 -43.87 6.03 -1.50
CA TYR D 95 -42.99 6.86 -2.31
C TYR D 95 -42.27 7.85 -1.41
N PHE D 96 -40.93 7.76 -1.40
CA PHE D 96 -40.10 8.61 -0.56
C PHE D 96 -39.45 9.70 -1.41
N CYS D 97 -39.46 10.92 -0.89
CA CYS D 97 -38.74 12.03 -1.48
C CYS D 97 -37.31 12.05 -0.94
N ALA D 98 -36.34 12.25 -1.83
CA ALA D 98 -34.94 12.19 -1.44
C ALA D 98 -34.17 13.34 -2.10
N ALA D 99 -32.97 13.58 -1.61
CA ALA D 99 -32.07 14.60 -2.15
C ALA D 99 -30.63 14.19 -1.90
N CYS D 100 -29.72 14.77 -2.67
CA CYS D 100 -28.29 14.46 -2.57
C CYS D 100 -27.50 15.76 -2.45
N GLY D 101 -27.22 16.16 -1.21
CA GLY D 101 -26.32 17.28 -0.99
C GLY D 101 -24.88 16.89 -1.23
N ALA D 102 -24.06 17.87 -1.60
CA ALA D 102 -22.66 17.65 -1.90
C ALA D 102 -21.92 18.98 -1.83
N TYR D 103 -20.64 18.95 -2.20
CA TYR D 103 -19.78 20.12 -2.23
C TYR D 103 -18.88 20.05 -3.46
N VAL D 104 -18.18 18.93 -3.61
CA VAL D 104 -17.35 18.65 -4.78
C VAL D 104 -17.83 17.34 -5.39
N LEU D 105 -18.18 17.39 -6.67
CA LEU D 105 -18.72 16.24 -7.39
C LEU D 105 -17.74 15.82 -8.48
N ILE D 106 -17.03 14.73 -8.24
CA ILE D 106 -16.20 14.08 -9.26
C ILE D 106 -16.73 12.71 -9.63
N SER D 107 -17.77 12.24 -8.96
CA SER D 107 -18.48 11.02 -9.36
C SER D 107 -19.97 11.32 -9.42
N ASN D 108 -20.78 10.30 -9.20
CA ASN D 108 -22.23 10.52 -9.17
C ASN D 108 -22.66 11.00 -7.79
N CYS D 109 -23.86 11.56 -7.73
CA CYS D 109 -24.48 11.97 -6.46
C CYS D 109 -25.36 10.82 -5.99
N GLY D 110 -24.83 9.98 -5.11
CA GLY D 110 -25.51 8.76 -4.73
C GLY D 110 -25.94 8.70 -3.28
N TRP D 111 -25.44 9.61 -2.44
CA TRP D 111 -25.80 9.62 -1.04
C TRP D 111 -27.09 10.42 -0.82
N PHE D 112 -27.90 9.96 0.12
CA PHE D 112 -29.19 10.58 0.43
C PHE D 112 -29.27 10.83 1.94
N ASP D 113 -29.03 12.08 2.34
CA ASP D 113 -29.14 12.45 3.75
C ASP D 113 -30.50 13.04 4.10
N SER D 114 -31.15 13.72 3.15
CA SER D 114 -32.46 14.32 3.37
C SER D 114 -33.53 13.44 2.74
N TRP D 115 -34.44 12.92 3.57
CA TRP D 115 -35.51 12.04 3.11
C TRP D 115 -36.87 12.69 3.36
N GLY D 116 -37.92 11.94 3.03
CA GLY D 116 -39.28 12.39 3.23
C GLY D 116 -40.09 11.36 3.99
N GLN D 117 -41.26 11.79 4.46
CA GLN D 117 -42.09 10.91 5.29
C GLN D 117 -42.68 9.75 4.51
N GLY D 118 -42.83 9.88 3.20
CA GLY D 118 -43.37 8.80 2.39
C GLY D 118 -44.86 8.90 2.18
N THR D 119 -45.30 8.73 0.94
CA THR D 119 -46.71 8.80 0.58
C THR D 119 -47.20 7.39 0.28
N GLN D 120 -48.01 6.84 1.18
CA GLN D 120 -48.60 5.53 0.96
C GLN D 120 -49.61 5.60 -0.18
N VAL D 121 -49.15 5.31 -1.40
CA VAL D 121 -49.99 5.37 -2.58
C VAL D 121 -50.55 3.99 -2.88
N THR D 122 -51.87 3.85 -2.82
CA THR D 122 -52.57 2.63 -3.15
C THR D 122 -53.44 2.87 -4.38
N VAL D 123 -53.26 2.04 -5.41
CA VAL D 123 -53.94 2.20 -6.69
C VAL D 123 -54.94 1.06 -6.85
N SER D 124 -56.22 1.41 -6.90
CA SER D 124 -57.29 0.44 -7.11
C SER D 124 -58.53 1.17 -7.60
N SER D 125 -59.35 0.46 -8.37
CA SER D 125 -60.58 1.04 -8.90
C SER D 125 -61.63 1.27 -7.81
N ALA D 126 -61.46 0.69 -6.63
CA ALA D 126 -62.41 0.92 -5.55
C ALA D 126 -62.28 2.34 -5.02
N SER D 127 -63.27 2.73 -4.21
CA SER D 127 -63.35 4.08 -3.67
C SER D 127 -62.90 4.11 -2.21
N THR D 128 -62.77 5.32 -1.68
CA THR D 128 -62.30 5.52 -0.31
C THR D 128 -63.40 5.19 0.69
N LYS D 129 -63.09 5.36 1.97
CA LYS D 129 -64.05 5.13 3.05
C LYS D 129 -63.52 5.75 4.33
N GLY D 130 -64.39 6.43 5.07
CA GLY D 130 -64.03 7.02 6.33
C GLY D 130 -63.93 6.00 7.44
N PRO D 131 -62.96 6.15 8.32
CA PRO D 131 -62.76 5.15 9.39
C PRO D 131 -63.84 5.24 10.45
N SER D 132 -63.96 4.15 11.20
CA SER D 132 -64.91 4.04 12.31
C SER D 132 -64.12 3.96 13.61
N VAL D 133 -64.29 4.96 14.47
CA VAL D 133 -63.52 5.08 15.70
C VAL D 133 -64.43 4.67 16.86
N PHE D 134 -64.09 3.56 17.51
CA PHE D 134 -64.83 3.06 18.66
C PHE D 134 -63.85 2.87 19.82
N PRO D 135 -64.07 3.51 20.96
CA PRO D 135 -63.11 3.42 22.06
C PRO D 135 -63.13 2.08 22.77
N LEU D 136 -61.95 1.69 23.26
CA LEU D 136 -61.79 0.51 24.10
C LEU D 136 -61.68 1.01 25.55
N ALA D 137 -62.83 1.15 26.20
CA ALA D 137 -62.87 1.75 27.52
C ALA D 137 -62.15 0.87 28.52
N PRO D 138 -61.43 1.45 29.48
CA PRO D 138 -60.81 0.65 30.55
C PRO D 138 -61.85 0.23 31.58
N SER D 139 -61.55 -0.89 32.24
CA SER D 139 -62.44 -1.45 33.24
C SER D 139 -61.61 -2.26 34.24
N SER D 140 -62.30 -2.91 35.18
CA SER D 140 -61.63 -3.72 36.19
C SER D 140 -60.95 -4.96 35.59
N LYS D 141 -61.27 -5.31 34.34
CA LYS D 141 -60.60 -6.42 33.67
C LYS D 141 -59.43 -5.96 32.81
N SER D 142 -59.44 -4.70 32.34
CA SER D 142 -58.33 -4.12 31.61
C SER D 142 -57.28 -3.50 32.52
N THR D 143 -57.31 -3.83 33.80
CA THR D 143 -56.32 -3.34 34.76
C THR D 143 -55.43 -4.49 35.20
N SER D 144 -54.34 -4.15 35.88
CA SER D 144 -53.40 -5.13 36.39
C SER D 144 -52.47 -4.51 37.44
N GLY D 145 -52.98 -4.34 38.66
CA GLY D 145 -52.20 -3.77 39.73
C GLY D 145 -52.31 -2.28 39.85
N GLY D 146 -51.37 -1.54 39.28
CA GLY D 146 -51.39 -0.09 39.35
C GLY D 146 -51.60 0.57 38.01
N THR D 147 -51.62 -0.21 36.94
CA THR D 147 -51.79 0.29 35.58
C THR D 147 -53.14 -0.13 35.02
N ALA D 148 -53.57 0.58 33.97
CA ALA D 148 -54.83 0.32 33.30
C ALA D 148 -54.68 0.54 31.81
N ALA D 149 -55.07 -0.45 31.01
CA ALA D 149 -54.98 -0.35 29.56
C ALA D 149 -56.26 0.26 29.01
N LEU D 150 -56.10 1.08 27.97
CA LEU D 150 -57.23 1.74 27.33
C LEU D 150 -56.80 2.18 25.94
N GLY D 151 -57.75 2.11 25.01
CA GLY D 151 -57.45 2.48 23.64
C GLY D 151 -58.71 2.80 22.86
N CYS D 152 -58.55 2.86 21.54
CA CYS D 152 -59.67 3.14 20.65
C CYS D 152 -59.44 2.41 19.34
N LEU D 153 -60.52 1.83 18.79
CA LEU D 153 -60.43 0.97 17.62
C LEU D 153 -60.70 1.78 16.36
N VAL D 154 -59.83 1.61 15.36
CA VAL D 154 -60.01 2.22 14.05
C VAL D 154 -60.47 1.12 13.09
N LYS D 155 -61.70 1.22 12.61
CA LYS D 155 -62.35 0.15 11.86
C LYS D 155 -62.92 0.70 10.55
N ASP D 156 -62.99 -0.18 9.55
CA ASP D 156 -63.65 0.09 8.28
C ASP D 156 -63.12 1.36 7.62
N TYR D 157 -61.99 1.25 6.93
CA TYR D 157 -61.43 2.39 6.21
C TYR D 157 -60.61 1.88 5.03
N PHE D 158 -60.47 2.74 4.02
CA PHE D 158 -59.70 2.41 2.83
C PHE D 158 -59.33 3.69 2.12
N PRO D 159 -58.08 3.86 1.67
CA PRO D 159 -56.98 2.91 1.91
C PRO D 159 -56.02 3.38 3.00
N GLU D 160 -54.88 2.71 3.11
CA GLU D 160 -53.85 3.11 4.06
C GLU D 160 -53.33 4.50 3.72
N PRO D 161 -52.79 5.24 4.72
CA PRO D 161 -52.69 4.89 6.14
C PRO D 161 -53.63 5.69 7.02
N VAL D 162 -53.46 5.57 8.33
CA VAL D 162 -54.25 6.32 9.31
C VAL D 162 -53.31 6.82 10.39
N THR D 163 -53.33 8.13 10.63
CA THR D 163 -52.48 8.75 11.65
C THR D 163 -53.24 8.81 12.97
N VAL D 164 -52.71 8.15 13.99
CA VAL D 164 -53.30 8.12 15.32
C VAL D 164 -52.43 8.96 16.26
N SER D 165 -53.07 9.91 16.95
CA SER D 165 -52.38 10.78 17.88
C SER D 165 -53.16 10.82 19.20
N TRP D 166 -52.43 10.84 20.31
CA TRP D 166 -53.03 10.86 21.64
C TRP D 166 -52.73 12.20 22.30
N ASN D 167 -53.79 12.94 22.65
CA ASN D 167 -53.67 14.26 23.28
C ASN D 167 -52.87 15.22 22.40
N SER D 168 -53.03 15.09 21.08
CA SER D 168 -52.36 15.95 20.10
C SER D 168 -50.84 15.89 20.25
N GLY D 169 -50.32 14.69 20.51
CA GLY D 169 -48.90 14.48 20.67
C GLY D 169 -48.36 14.72 22.07
N ALA D 170 -49.23 14.98 23.05
CA ALA D 170 -48.76 15.19 24.42
C ALA D 170 -48.35 13.87 25.06
N LEU D 171 -49.13 12.82 24.85
CA LEU D 171 -48.85 11.50 25.40
C LEU D 171 -48.23 10.62 24.32
N THR D 172 -46.96 10.23 24.53
CA THR D 172 -46.24 9.42 23.56
C THR D 172 -45.53 8.22 24.19
N SER D 173 -45.62 8.04 25.50
CA SER D 173 -44.94 6.94 26.17
C SER D 173 -45.92 5.81 26.43
N GLY D 174 -45.42 4.58 26.29
CA GLY D 174 -46.26 3.41 26.49
C GLY D 174 -47.38 3.26 25.49
N VAL D 175 -47.24 3.87 24.31
CA VAL D 175 -48.26 3.81 23.27
C VAL D 175 -47.84 2.75 22.26
N HIS D 176 -48.77 1.89 21.87
CA HIS D 176 -48.52 0.85 20.88
C HIS D 176 -49.65 0.89 19.86
N THR D 177 -49.32 1.25 18.62
CA THR D 177 -50.27 1.23 17.52
C THR D 177 -50.01 -0.01 16.67
N PHE D 178 -51.00 -0.88 16.57
CA PHE D 178 -50.84 -2.14 15.88
C PHE D 178 -50.94 -1.96 14.36
N PRO D 179 -50.30 -2.83 13.58
CA PRO D 179 -50.42 -2.75 12.13
C PRO D 179 -51.86 -2.93 11.69
N ALA D 180 -52.19 -2.38 10.53
CA ALA D 180 -53.54 -2.47 10.01
C ALA D 180 -53.88 -3.92 9.67
N VAL D 181 -55.16 -4.25 9.81
CA VAL D 181 -55.67 -5.59 9.53
C VAL D 181 -56.77 -5.48 8.49
N LEU D 182 -56.64 -6.25 7.41
CA LEU D 182 -57.66 -6.29 6.37
C LEU D 182 -58.77 -7.25 6.79
N GLN D 183 -59.97 -6.73 7.02
CA GLN D 183 -61.06 -7.52 7.57
C GLN D 183 -61.73 -8.39 6.51
N SER D 184 -62.99 -8.77 6.78
CA SER D 184 -63.71 -9.64 5.85
C SER D 184 -64.04 -8.92 4.55
N SER D 185 -64.53 -7.69 4.65
CA SER D 185 -64.78 -6.87 3.47
C SER D 185 -63.45 -6.29 2.96
N GLY D 186 -63.53 -5.31 2.08
CA GLY D 186 -62.33 -4.70 1.56
C GLY D 186 -61.88 -3.47 2.33
N LEU D 187 -62.03 -3.51 3.66
CA LEU D 187 -61.73 -2.36 4.50
C LEU D 187 -60.70 -2.76 5.56
N TYR D 188 -59.71 -1.89 5.76
CA TYR D 188 -58.70 -2.11 6.78
C TYR D 188 -59.25 -1.79 8.17
N SER D 189 -58.49 -2.17 9.19
CA SER D 189 -58.87 -1.92 10.57
C SER D 189 -57.65 -2.13 11.46
N LEU D 190 -57.54 -1.32 12.51
CA LEU D 190 -56.45 -1.47 13.45
C LEU D 190 -56.90 -0.96 14.81
N SER D 191 -56.15 -1.35 15.84
CA SER D 191 -56.42 -0.95 17.21
C SER D 191 -55.19 -0.25 17.78
N SER D 192 -55.42 0.81 18.56
CA SER D 192 -54.36 1.59 19.18
C SER D 192 -54.65 1.69 20.68
N VAL D 193 -53.87 0.99 21.48
CA VAL D 193 -54.07 0.93 22.93
C VAL D 193 -52.90 1.63 23.62
N VAL D 194 -53.18 2.30 24.73
CA VAL D 194 -52.17 2.99 25.52
C VAL D 194 -52.25 2.50 26.96
N THR D 195 -51.09 2.30 27.58
CA THR D 195 -51.02 1.89 28.97
C THR D 195 -50.84 3.12 29.86
N VAL D 196 -51.67 3.22 30.90
CA VAL D 196 -51.70 4.39 31.77
C VAL D 196 -51.90 3.93 33.21
N PRO D 197 -51.25 4.57 34.19
CA PRO D 197 -51.45 4.16 35.59
C PRO D 197 -52.91 4.22 36.00
N SER D 198 -53.36 3.15 36.67
CA SER D 198 -54.77 2.98 36.99
C SER D 198 -55.29 3.99 38.02
N SER D 199 -54.41 4.78 38.64
CA SER D 199 -54.85 5.79 39.59
C SER D 199 -55.14 7.13 38.95
N SER D 200 -54.83 7.30 37.65
CA SER D 200 -55.05 8.56 36.96
C SER D 200 -56.30 8.57 36.10
N LEU D 201 -57.01 7.45 35.98
CA LEU D 201 -58.27 7.43 35.25
C LEU D 201 -59.36 8.14 36.04
N GLY D 202 -60.27 8.78 35.32
CA GLY D 202 -61.29 9.59 35.95
C GLY D 202 -60.83 10.95 36.41
N THR D 203 -59.54 11.25 36.30
CA THR D 203 -58.98 12.54 36.70
C THR D 203 -58.27 13.28 35.57
N GLN D 204 -57.91 12.60 34.49
CA GLN D 204 -57.27 13.23 33.34
C GLN D 204 -58.01 12.84 32.07
N THR D 205 -58.05 13.77 31.12
CA THR D 205 -58.72 13.53 29.86
C THR D 205 -57.80 12.80 28.88
N TYR D 206 -58.28 11.69 28.33
CA TYR D 206 -57.54 10.88 27.37
C TYR D 206 -58.37 10.75 26.09
N ILE D 207 -58.04 11.54 25.08
CA ILE D 207 -58.74 11.52 23.80
C ILE D 207 -57.76 11.08 22.72
N CYS D 208 -58.19 10.12 21.89
CA CYS D 208 -57.39 9.63 20.78
C CYS D 208 -57.82 10.33 19.49
N ASN D 209 -56.84 10.78 18.71
CA ASN D 209 -57.09 11.48 17.46
C ASN D 209 -56.83 10.56 16.28
N VAL D 210 -57.80 10.47 15.38
CA VAL D 210 -57.68 9.67 14.16
C VAL D 210 -57.61 10.62 12.98
N ASN D 211 -56.63 10.40 12.10
CA ASN D 211 -56.42 11.25 10.93
C ASN D 211 -56.26 10.35 9.71
N HIS D 212 -57.19 10.46 8.76
CA HIS D 212 -57.18 9.69 7.53
C HIS D 212 -57.19 10.65 6.35
N LYS D 213 -56.01 10.92 5.79
CA LYS D 213 -55.83 11.84 4.67
C LYS D 213 -56.46 11.36 3.36
N PRO D 214 -56.38 10.07 3.00
CA PRO D 214 -56.97 9.64 1.72
C PRO D 214 -58.44 9.97 1.56
N SER D 215 -59.19 10.11 2.65
CA SER D 215 -60.61 10.42 2.59
C SER D 215 -60.94 11.77 3.22
N ASN D 216 -59.93 12.55 3.60
CA ASN D 216 -60.14 13.84 4.25
C ASN D 216 -61.00 13.68 5.49
N THR D 217 -60.42 13.16 6.58
CA THR D 217 -61.18 12.87 7.79
C THR D 217 -60.29 13.12 9.01
N LYS D 218 -60.89 13.67 10.06
CA LYS D 218 -60.18 13.86 11.33
C LYS D 218 -61.19 13.69 12.46
N VAL D 219 -61.08 12.60 13.20
CA VAL D 219 -62.04 12.24 14.24
C VAL D 219 -61.37 12.36 15.61
N ASP D 220 -62.11 12.85 16.60
CA ASP D 220 -61.65 12.98 17.98
C ASP D 220 -62.61 12.20 18.87
N LYS D 221 -62.14 11.07 19.40
CA LYS D 221 -62.95 10.20 20.24
C LYS D 221 -62.34 10.11 21.63
N ARG D 222 -63.15 10.41 22.65
CA ARG D 222 -62.70 10.36 24.04
C ARG D 222 -62.92 8.97 24.63
N VAL D 223 -61.94 8.50 25.39
CA VAL D 223 -62.01 7.23 26.09
C VAL D 223 -62.05 7.51 27.59
N GLU D 224 -62.81 6.70 28.32
CA GLU D 224 -63.01 6.90 29.75
C GLU D 224 -63.46 5.58 30.37
N PRO D 225 -63.25 5.38 31.66
CA PRO D 225 -63.61 4.11 32.30
C PRO D 225 -65.12 3.84 32.26
N LYS D 226 -65.48 2.60 32.53
CA LYS D 226 -66.86 2.12 32.45
C LYS D 226 -67.48 2.40 31.09
N GLU E 1 -27.75 -2.22 -15.56
CA GLU E 1 -28.25 -2.35 -14.19
C GLU E 1 -27.44 -3.39 -13.43
N ILE E 2 -27.22 -3.13 -12.14
CA ILE E 2 -26.36 -3.96 -11.30
C ILE E 2 -27.24 -4.74 -10.32
N VAL E 3 -26.91 -6.01 -10.13
CA VAL E 3 -27.63 -6.88 -9.20
C VAL E 3 -26.93 -6.84 -7.86
N MET E 4 -27.64 -6.40 -6.82
CA MET E 4 -27.10 -6.29 -5.48
C MET E 4 -27.54 -7.47 -4.63
N THR E 5 -26.58 -8.12 -3.98
CA THR E 5 -26.81 -9.29 -3.15
C THR E 5 -26.38 -8.97 -1.72
N GLN E 6 -27.27 -9.22 -0.76
CA GLN E 6 -26.98 -8.96 0.65
C GLN E 6 -27.13 -10.24 1.44
N SER E 7 -26.28 -10.41 2.45
CA SER E 7 -26.30 -11.60 3.30
C SER E 7 -25.93 -11.22 4.72
N PRO E 8 -26.64 -11.74 5.73
CA PRO E 8 -27.78 -12.65 5.59
C PRO E 8 -29.11 -11.93 5.42
N SER E 9 -30.20 -12.69 5.33
CA SER E 9 -31.52 -12.10 5.14
C SER E 9 -32.14 -11.64 6.45
N SER E 10 -31.74 -12.25 7.57
CA SER E 10 -32.28 -11.90 8.88
C SER E 10 -31.37 -12.50 9.94
N LEU E 11 -31.04 -11.69 10.96
CA LEU E 11 -30.17 -12.13 12.03
C LEU E 11 -30.75 -11.71 13.38
N SER E 12 -30.15 -12.22 14.45
CA SER E 12 -30.60 -11.95 15.80
C SER E 12 -29.45 -12.19 16.76
N ALA E 13 -29.06 -11.14 17.51
CA ALA E 13 -27.94 -11.23 18.45
C ALA E 13 -28.29 -10.50 19.73
N SER E 14 -27.54 -10.81 20.78
CA SER E 14 -27.77 -10.20 22.08
C SER E 14 -27.29 -8.75 22.08
N ILE E 15 -27.62 -8.04 23.15
CA ILE E 15 -27.23 -6.64 23.28
C ILE E 15 -25.73 -6.56 23.52
N GLY E 16 -25.08 -5.61 22.86
CA GLY E 16 -23.64 -5.46 23.00
C GLY E 16 -22.83 -6.46 22.20
N ASP E 17 -23.46 -7.21 21.31
CA ASP E 17 -22.73 -8.17 20.49
C ASP E 17 -22.18 -7.48 19.25
N ARG E 18 -21.40 -8.23 18.48
CA ARG E 18 -20.77 -7.73 17.26
C ARG E 18 -21.51 -8.31 16.06
N VAL E 19 -21.98 -7.43 15.18
CA VAL E 19 -22.72 -7.82 13.99
C VAL E 19 -21.93 -7.36 12.76
N THR E 20 -21.92 -8.20 11.72
CA THR E 20 -21.19 -7.91 10.49
C THR E 20 -22.07 -8.31 9.31
N ILE E 21 -22.57 -7.31 8.58
CA ILE E 21 -23.44 -7.53 7.42
C ILE E 21 -22.63 -7.27 6.15
N THR E 22 -22.48 -8.30 5.33
CA THR E 22 -21.76 -8.19 4.07
C THR E 22 -22.73 -7.87 2.94
N CYS E 23 -22.22 -7.16 1.92
CA CYS E 23 -23.02 -6.76 0.77
C CYS E 23 -22.29 -7.18 -0.50
N GLN E 24 -22.80 -8.22 -1.16
CA GLN E 24 -22.21 -8.74 -2.38
C GLN E 24 -22.74 -7.97 -3.59
N ALA E 25 -21.85 -7.67 -4.53
CA ALA E 25 -22.20 -6.86 -5.69
C ALA E 25 -22.02 -7.66 -6.97
N SER E 26 -22.64 -7.17 -8.04
CA SER E 26 -22.54 -7.79 -9.36
C SER E 26 -21.17 -7.49 -9.97
N GLN E 27 -20.99 -6.26 -10.43
CA GLN E 27 -19.72 -5.83 -11.02
C GLN E 27 -19.03 -4.83 -10.08
N ASP E 28 -17.87 -4.35 -10.52
CA ASP E 28 -17.04 -3.48 -9.70
C ASP E 28 -17.72 -2.12 -9.51
N ILE E 29 -17.88 -1.71 -8.26
CA ILE E 29 -18.44 -0.40 -7.93
C ILE E 29 -17.41 0.52 -7.30
N SER E 30 -16.17 0.08 -7.16
CA SER E 30 -15.06 0.88 -6.62
C SER E 30 -15.45 1.34 -5.21
N THR E 31 -15.32 2.63 -4.89
CA THR E 31 -15.59 3.14 -3.54
C THR E 31 -16.99 3.73 -3.42
N TYR E 32 -17.94 3.25 -4.21
CA TYR E 32 -19.27 3.84 -4.27
C TYR E 32 -20.27 2.85 -3.68
N LEU E 33 -20.67 3.09 -2.43
CA LEU E 33 -21.67 2.29 -1.76
C LEU E 33 -22.27 3.11 -0.62
N ASN E 34 -23.52 2.80 -0.29
CA ASN E 34 -24.25 3.51 0.75
C ASN E 34 -25.01 2.50 1.60
N TRP E 35 -24.84 2.58 2.91
CA TRP E 35 -25.63 1.80 3.86
C TRP E 35 -26.72 2.68 4.45
N TYR E 36 -27.91 2.11 4.63
CA TYR E 36 -29.05 2.86 5.13
C TYR E 36 -29.75 2.08 6.25
N GLN E 37 -30.03 2.77 7.34
CA GLN E 37 -30.87 2.23 8.40
C GLN E 37 -32.31 2.66 8.12
N GLN E 38 -33.24 1.73 8.32
CA GLN E 38 -34.67 2.03 8.15
C GLN E 38 -35.43 1.35 9.28
N LYS E 39 -35.74 2.11 10.32
CA LYS E 39 -36.60 1.59 11.36
C LYS E 39 -38.04 1.56 10.86
N PRO E 40 -38.81 0.53 11.21
CA PRO E 40 -40.15 0.39 10.64
C PRO E 40 -41.01 1.62 10.89
N GLY E 41 -41.68 2.08 9.83
CA GLY E 41 -42.47 3.29 9.87
C GLY E 41 -41.71 4.55 9.56
N GLN E 42 -40.40 4.55 9.74
CA GLN E 42 -39.56 5.70 9.43
C GLN E 42 -38.97 5.60 8.03
N ALA E 43 -38.53 6.75 7.52
CA ALA E 43 -37.84 6.80 6.25
C ALA E 43 -36.44 6.17 6.40
N PRO E 44 -35.76 5.89 5.28
CA PRO E 44 -34.37 5.45 5.38
C PRO E 44 -33.50 6.49 6.07
N ARG E 45 -32.46 6.00 6.75
CA ARG E 45 -31.55 6.84 7.51
C ARG E 45 -30.14 6.53 7.05
N LEU E 46 -29.44 7.56 6.57
CA LEU E 46 -28.09 7.36 6.05
C LEU E 46 -27.11 7.07 7.18
N LEU E 47 -26.28 6.04 6.99
CA LEU E 47 -25.25 5.68 7.96
C LEU E 47 -23.86 5.75 7.36
N ILE E 48 -23.58 4.99 6.31
CA ILE E 48 -22.27 4.91 5.69
C ILE E 48 -22.36 5.45 4.28
N TYR E 49 -21.46 6.35 3.91
CA TYR E 49 -21.30 6.81 2.54
C TYR E 49 -19.87 6.58 2.09
N GLY E 50 -19.70 6.21 0.82
CA GLY E 50 -18.38 5.94 0.30
C GLY E 50 -17.69 4.78 1.00
N ALA E 51 -18.40 3.66 1.11
CA ALA E 51 -17.85 2.41 1.62
C ALA E 51 -17.40 2.48 3.07
N SER E 52 -16.46 3.37 3.40
CA SER E 52 -15.84 3.38 4.73
C SER E 52 -16.05 4.65 5.52
N ASN E 53 -16.57 5.71 4.92
CA ASN E 53 -16.78 6.96 5.65
C ASN E 53 -18.11 6.94 6.39
N LEU E 54 -18.22 7.79 7.41
CA LEU E 54 -19.36 7.81 8.31
C LEU E 54 -20.11 9.13 8.19
N GLU E 55 -21.43 9.05 8.30
CA GLU E 55 -22.27 10.24 8.23
C GLU E 55 -22.30 10.96 9.57
N THR E 56 -22.40 12.29 9.50
CA THR E 56 -22.48 13.10 10.72
C THR E 56 -23.71 12.72 11.53
N GLY E 57 -23.50 12.43 12.82
CA GLY E 57 -24.57 12.08 13.71
C GLY E 57 -24.73 10.60 13.97
N VAL E 58 -24.02 9.75 13.24
CA VAL E 58 -24.10 8.31 13.43
C VAL E 58 -23.24 7.92 14.63
N PRO E 59 -23.70 7.04 15.51
CA PRO E 59 -22.88 6.66 16.66
C PRO E 59 -21.55 6.05 16.26
N SER E 60 -20.63 6.04 17.23
CA SER E 60 -19.23 5.71 16.99
C SER E 60 -18.99 4.21 17.00
N ARG E 61 -19.97 3.43 16.54
CA ARG E 61 -19.83 1.97 16.54
C ARG E 61 -20.15 1.34 15.19
N PHE E 62 -20.32 2.14 14.14
CA PHE E 62 -20.64 1.65 12.82
C PHE E 62 -19.42 1.79 11.92
N THR E 63 -18.90 0.65 11.44
CA THR E 63 -17.69 0.60 10.62
C THR E 63 -18.04 0.10 9.23
N GLY E 64 -17.48 0.76 8.22
CA GLY E 64 -17.64 0.34 6.83
C GLY E 64 -16.31 -0.14 6.28
N SER E 65 -16.37 -1.11 5.37
CA SER E 65 -15.17 -1.68 4.79
C SER E 65 -15.52 -2.44 3.52
N GLY E 66 -14.64 -2.37 2.53
CA GLY E 66 -14.81 -3.11 1.28
C GLY E 66 -14.61 -2.27 0.04
N TYR E 67 -14.08 -2.89 -1.01
CA TYR E 67 -13.86 -2.24 -2.29
C TYR E 67 -14.17 -3.19 -3.43
N GLY E 68 -14.72 -2.66 -4.51
CA GLY E 68 -15.00 -3.44 -5.70
C GLY E 68 -16.35 -4.12 -5.65
N THR E 69 -16.36 -5.41 -5.31
CA THR E 69 -17.58 -6.19 -5.28
C THR E 69 -17.90 -6.78 -3.91
N ASP E 70 -17.00 -6.71 -2.95
CA ASP E 70 -17.21 -7.28 -1.63
C ASP E 70 -17.13 -6.17 -0.60
N PHE E 71 -18.22 -5.94 0.12
CA PHE E 71 -18.32 -4.90 1.11
C PHE E 71 -18.91 -5.47 2.40
N SER E 72 -18.78 -4.69 3.48
CA SER E 72 -19.24 -5.16 4.78
C SER E 72 -19.41 -3.96 5.72
N VAL E 73 -20.43 -4.00 6.55
CA VAL E 73 -20.66 -3.04 7.62
C VAL E 73 -20.65 -3.79 8.95
N THR E 74 -20.15 -3.13 9.98
CA THR E 74 -19.95 -3.76 11.28
C THR E 74 -20.50 -2.86 12.38
N ILE E 75 -21.09 -3.48 13.40
CA ILE E 75 -21.57 -2.78 14.59
C ILE E 75 -20.75 -3.27 15.78
N SER E 76 -20.15 -2.32 16.50
CA SER E 76 -19.27 -2.68 17.61
C SER E 76 -20.06 -3.31 18.76
N SER E 77 -21.24 -2.76 19.07
CA SER E 77 -22.07 -3.28 20.15
C SER E 77 -23.53 -3.11 19.76
N LEU E 78 -24.23 -4.23 19.59
CA LEU E 78 -25.63 -4.20 19.17
C LEU E 78 -26.48 -3.58 20.27
N GLN E 79 -27.12 -2.47 19.96
CA GLN E 79 -27.91 -1.71 20.91
C GLN E 79 -29.40 -1.80 20.58
N PRO E 80 -30.28 -1.61 21.57
CA PRO E 80 -31.73 -1.67 21.29
C PRO E 80 -32.20 -0.67 20.25
N GLU E 81 -31.46 0.39 19.99
CA GLU E 81 -31.85 1.39 19.00
C GLU E 81 -31.41 1.04 17.59
N ASP E 82 -30.82 -0.14 17.39
CA ASP E 82 -30.34 -0.57 16.08
C ASP E 82 -31.29 -1.55 15.40
N ILE E 83 -32.38 -1.95 16.07
CA ILE E 83 -33.34 -2.87 15.48
C ILE E 83 -34.02 -2.18 14.31
N ALA E 84 -33.59 -2.50 13.10
CA ALA E 84 -34.15 -1.92 11.89
C ALA E 84 -33.77 -2.81 10.71
N THR E 85 -34.09 -2.35 9.51
CA THR E 85 -33.73 -3.03 8.28
C THR E 85 -32.62 -2.25 7.60
N TYR E 86 -31.55 -2.94 7.21
CA TYR E 86 -30.37 -2.32 6.64
C TYR E 86 -30.19 -2.75 5.19
N TYR E 87 -30.03 -1.76 4.30
CA TYR E 87 -29.79 -2.00 2.89
C TYR E 87 -28.44 -1.43 2.49
N CYS E 88 -27.93 -1.89 1.35
CA CYS E 88 -26.73 -1.33 0.74
C CYS E 88 -27.06 -0.91 -0.68
N GLN E 89 -26.62 0.29 -1.06
CA GLN E 89 -26.97 0.90 -2.34
C GLN E 89 -25.72 1.36 -3.05
N GLN E 90 -25.64 1.08 -4.34
CA GLN E 90 -24.53 1.52 -5.18
C GLN E 90 -24.93 2.74 -5.99
N TYR E 91 -23.92 3.40 -6.58
CA TYR E 91 -24.24 4.57 -7.40
C TYR E 91 -23.17 4.90 -8.43
N GLN E 92 -22.34 3.94 -8.87
CA GLN E 92 -21.40 4.25 -9.94
C GLN E 92 -22.06 4.11 -11.32
N TYR E 93 -22.66 2.96 -11.58
CA TYR E 93 -23.36 2.73 -12.83
C TYR E 93 -24.82 3.12 -12.68
N LEU E 94 -25.34 3.82 -13.67
CA LEU E 94 -26.76 4.12 -13.66
C LEU E 94 -27.55 2.93 -14.20
N PRO E 95 -28.74 2.63 -13.63
CA PRO E 95 -29.35 3.36 -12.51
C PRO E 95 -28.85 2.89 -11.16
N TYR E 96 -29.20 3.62 -10.10
CA TYR E 96 -28.86 3.20 -8.76
C TYR E 96 -29.71 1.99 -8.36
N THR E 97 -29.06 0.97 -7.80
CA THR E 97 -29.72 -0.29 -7.47
C THR E 97 -29.56 -0.57 -5.98
N PHE E 98 -30.66 -0.92 -5.32
CA PHE E 98 -30.66 -1.27 -3.91
C PHE E 98 -30.55 -2.77 -3.73
N ALA E 99 -30.44 -3.19 -2.47
CA ALA E 99 -30.31 -4.58 -2.08
C ALA E 99 -31.62 -5.08 -1.47
N PRO E 100 -31.75 -6.40 -1.29
CA PRO E 100 -32.93 -6.91 -0.56
C PRO E 100 -33.04 -6.36 0.84
N GLY E 101 -31.94 -6.32 1.58
CA GLY E 101 -31.93 -5.80 2.93
C GLY E 101 -31.80 -6.90 3.97
N THR E 102 -31.49 -6.47 5.19
CA THR E 102 -31.31 -7.39 6.31
C THR E 102 -32.10 -6.87 7.51
N LYS E 103 -33.01 -7.69 8.02
CA LYS E 103 -33.75 -7.37 9.23
C LYS E 103 -32.95 -7.81 10.44
N VAL E 104 -32.80 -6.92 11.40
CA VAL E 104 -31.97 -7.14 12.59
C VAL E 104 -32.87 -7.17 13.81
N GLU E 105 -32.82 -8.28 14.55
CA GLU E 105 -33.56 -8.42 15.80
C GLU E 105 -32.57 -8.65 16.94
N ILE E 106 -33.04 -8.45 18.17
CA ILE E 106 -32.20 -8.51 19.36
C ILE E 106 -32.69 -9.63 20.27
N LYS E 107 -31.77 -10.49 20.70
CA LYS E 107 -32.08 -11.57 21.62
C LYS E 107 -32.00 -11.07 23.06
N ARG E 108 -33.06 -11.28 23.81
CA ARG E 108 -33.12 -10.84 25.20
C ARG E 108 -33.76 -11.93 26.04
N THR E 109 -34.04 -11.63 27.30
CA THR E 109 -34.63 -12.60 28.21
C THR E 109 -36.09 -12.85 27.84
N VAL E 110 -36.66 -13.87 28.47
CA VAL E 110 -38.05 -14.24 28.20
C VAL E 110 -38.97 -13.23 28.87
N ALA E 111 -39.93 -12.70 28.10
CA ALA E 111 -40.90 -11.74 28.61
C ALA E 111 -42.30 -12.31 28.45
N ALA E 112 -43.11 -12.16 29.49
CA ALA E 112 -44.48 -12.67 29.45
C ALA E 112 -45.46 -11.54 29.14
N PRO E 113 -46.45 -11.79 28.29
CA PRO E 113 -47.40 -10.74 27.92
C PRO E 113 -48.44 -10.48 29.01
N SER E 114 -48.82 -9.21 29.13
CA SER E 114 -49.90 -8.81 30.02
C SER E 114 -51.20 -8.78 29.22
N VAL E 115 -52.22 -9.47 29.73
CA VAL E 115 -53.48 -9.68 29.00
C VAL E 115 -54.50 -8.66 29.49
N PHE E 116 -54.87 -7.73 28.62
CA PHE E 116 -55.96 -6.78 28.87
C PHE E 116 -57.02 -6.98 27.80
N ILE E 117 -58.26 -7.18 28.22
CA ILE E 117 -59.37 -7.39 27.31
C ILE E 117 -60.33 -6.20 27.42
N PHE E 118 -60.91 -5.81 26.29
CA PHE E 118 -61.82 -4.69 26.23
C PHE E 118 -63.17 -5.14 25.67
N PRO E 119 -64.27 -4.68 26.24
CA PRO E 119 -65.59 -5.00 25.69
C PRO E 119 -65.90 -4.09 24.51
N PRO E 120 -66.77 -4.52 23.60
CA PRO E 120 -67.17 -3.65 22.48
C PRO E 120 -67.86 -2.39 22.99
N SER E 121 -67.45 -1.25 22.46
CA SER E 121 -68.01 0.02 22.89
C SER E 121 -69.48 0.10 22.54
N ASP E 122 -70.24 0.85 23.36
CA ASP E 122 -71.65 1.05 23.08
C ASP E 122 -71.85 1.79 21.77
N GLU E 123 -70.89 2.63 21.38
CA GLU E 123 -70.99 3.34 20.12
C GLU E 123 -70.90 2.39 18.92
N GLN E 124 -70.25 1.24 19.10
CA GLN E 124 -70.14 0.28 18.01
C GLN E 124 -71.38 -0.60 17.91
N LEU E 125 -71.99 -0.94 19.05
CA LEU E 125 -73.19 -1.77 19.05
C LEU E 125 -74.38 -1.09 18.40
N LYS E 126 -74.40 0.24 18.37
CA LYS E 126 -75.47 0.95 17.67
C LYS E 126 -75.47 0.64 16.18
N SER E 127 -74.28 0.45 15.60
CA SER E 127 -74.18 0.15 14.17
C SER E 127 -74.67 -1.25 13.83
N GLY E 128 -74.76 -2.14 14.80
CA GLY E 128 -75.20 -3.49 14.56
C GLY E 128 -74.11 -4.55 14.58
N THR E 129 -72.88 -4.19 14.96
CA THR E 129 -71.78 -5.13 15.07
C THR E 129 -71.06 -4.91 16.39
N ALA E 130 -70.09 -5.78 16.67
CA ALA E 130 -69.33 -5.72 17.90
C ALA E 130 -67.94 -6.30 17.66
N SER E 131 -66.96 -5.78 18.39
CA SER E 131 -65.58 -6.25 18.27
C SER E 131 -64.93 -6.26 19.65
N VAL E 132 -64.38 -7.42 20.03
CA VAL E 132 -63.66 -7.59 21.28
C VAL E 132 -62.17 -7.64 20.96
N VAL E 133 -61.39 -6.74 21.56
CA VAL E 133 -59.97 -6.62 21.29
C VAL E 133 -59.21 -7.21 22.48
N CYS E 134 -58.42 -8.25 22.22
CA CYS E 134 -57.56 -8.86 23.22
C CYS E 134 -56.13 -8.40 23.00
N LEU E 135 -55.53 -7.83 24.03
CA LEU E 135 -54.22 -7.21 23.96
C LEU E 135 -53.19 -8.08 24.67
N LEU E 136 -52.04 -8.30 24.02
CA LEU E 136 -50.89 -8.97 24.61
C LEU E 136 -49.72 -8.00 24.48
N ASN E 137 -49.39 -7.32 25.58
CA ASN E 137 -48.43 -6.22 25.55
C ASN E 137 -47.07 -6.64 26.08
N ASN E 138 -46.02 -6.22 25.37
CA ASN E 138 -44.63 -6.37 25.81
C ASN E 138 -44.26 -7.80 26.16
N PHE E 139 -43.98 -8.60 25.15
CA PHE E 139 -43.58 -9.99 25.36
C PHE E 139 -42.46 -10.34 24.41
N TYR E 140 -41.69 -11.36 24.79
CA TYR E 140 -40.59 -11.88 24.00
C TYR E 140 -40.44 -13.35 24.35
N PRO E 141 -40.30 -14.24 23.35
CA PRO E 141 -40.21 -13.93 21.92
C PRO E 141 -41.56 -13.67 21.23
N ARG E 142 -41.56 -13.76 19.91
CA ARG E 142 -42.70 -13.33 19.10
C ARG E 142 -43.81 -14.37 19.06
N GLU E 143 -43.48 -15.65 19.22
CA GLU E 143 -44.45 -16.72 19.01
C GLU E 143 -45.52 -16.71 20.11
N ALA E 144 -46.78 -16.67 19.69
CA ALA E 144 -47.90 -16.67 20.62
C ALA E 144 -49.10 -17.34 19.96
N LYS E 145 -49.87 -18.07 20.75
CA LYS E 145 -51.06 -18.77 20.27
C LYS E 145 -52.27 -18.21 21.02
N VAL E 146 -53.14 -17.51 20.29
CA VAL E 146 -54.35 -16.92 20.85
C VAL E 146 -55.54 -17.58 20.19
N GLN E 147 -56.49 -18.02 21.01
CA GLN E 147 -57.71 -18.67 20.52
C GLN E 147 -58.87 -18.27 21.41
N TRP E 148 -59.85 -17.59 20.84
CA TRP E 148 -61.01 -17.13 21.60
C TRP E 148 -61.88 -18.32 22.00
N LYS E 149 -62.67 -18.11 23.05
CA LYS E 149 -63.64 -19.10 23.53
C LYS E 149 -64.88 -18.35 23.99
N VAL E 150 -65.91 -18.32 23.14
CA VAL E 150 -67.17 -17.65 23.46
C VAL E 150 -68.10 -18.68 24.08
N ASP E 151 -68.39 -18.52 25.37
CA ASP E 151 -69.19 -19.49 26.13
C ASP E 151 -68.61 -20.89 26.00
N ASN E 152 -67.29 -20.99 26.12
CA ASN E 152 -66.56 -22.26 26.01
C ASN E 152 -66.78 -22.91 24.65
N ALA E 153 -66.79 -22.09 23.60
CA ALA E 153 -66.89 -22.56 22.23
C ALA E 153 -65.77 -21.94 21.43
N LEU E 154 -64.90 -22.77 20.86
CA LEU E 154 -63.76 -22.26 20.11
C LEU E 154 -64.22 -21.53 18.86
N GLN E 155 -63.73 -20.30 18.69
CA GLN E 155 -64.08 -19.45 17.57
C GLN E 155 -62.89 -19.32 16.63
N SER E 156 -63.10 -19.64 15.36
CA SER E 156 -62.07 -19.51 14.33
C SER E 156 -62.67 -18.85 13.10
N GLY E 157 -61.84 -18.08 12.40
CA GLY E 157 -62.28 -17.34 11.24
C GLY E 157 -62.83 -15.97 11.52
N ASN E 158 -63.27 -15.71 12.75
CA ASN E 158 -63.76 -14.40 13.15
C ASN E 158 -62.75 -13.63 14.00
N SER E 159 -61.60 -14.22 14.29
CA SER E 159 -60.56 -13.58 15.08
C SER E 159 -59.42 -13.16 14.16
N GLN E 160 -58.85 -11.98 14.44
CA GLN E 160 -57.76 -11.42 13.63
C GLN E 160 -56.68 -10.90 14.55
N GLU E 161 -55.49 -11.51 14.48
CA GLU E 161 -54.35 -11.07 15.26
C GLU E 161 -53.57 -10.00 14.50
N SER E 162 -52.76 -9.25 15.25
CA SER E 162 -51.90 -8.21 14.66
C SER E 162 -50.69 -8.03 15.56
N VAL E 163 -49.50 -8.33 15.02
CA VAL E 163 -48.26 -8.27 15.77
C VAL E 163 -47.45 -7.09 15.27
N THR E 164 -46.95 -6.29 16.21
CA THR E 164 -46.08 -5.16 15.86
C THR E 164 -44.64 -5.62 15.74
N GLU E 165 -43.82 -4.77 15.12
CA GLU E 165 -42.39 -5.04 15.05
C GLU E 165 -41.79 -5.00 16.45
N GLN E 166 -40.61 -5.60 16.58
CA GLN E 166 -39.93 -5.64 17.87
C GLN E 166 -39.58 -4.23 18.33
N ASP E 167 -40.00 -3.90 19.55
CA ASP E 167 -39.85 -2.53 20.05
C ASP E 167 -38.36 -2.18 20.17
N SER E 168 -38.09 -0.88 20.06
CA SER E 168 -36.73 -0.36 20.11
C SER E 168 -36.31 0.04 21.52
N LYS E 169 -37.20 -0.02 22.50
CA LYS E 169 -36.90 0.35 23.88
C LYS E 169 -36.55 -0.83 24.76
N ASP E 170 -37.30 -1.93 24.65
CA ASP E 170 -37.07 -3.09 25.51
C ASP E 170 -37.07 -4.42 24.76
N SER E 171 -37.08 -4.40 23.43
CA SER E 171 -37.02 -5.61 22.61
C SER E 171 -38.20 -6.54 22.92
N THR E 172 -39.41 -5.98 22.84
CA THR E 172 -40.64 -6.73 23.10
C THR E 172 -41.65 -6.46 22.00
N TYR E 173 -42.56 -7.41 21.82
CA TYR E 173 -43.58 -7.35 20.79
C TYR E 173 -44.93 -7.02 21.43
N SER E 174 -45.96 -6.94 20.57
CA SER E 174 -47.31 -6.65 21.02
C SER E 174 -48.30 -7.29 20.05
N LEU E 175 -49.29 -7.99 20.58
CA LEU E 175 -50.28 -8.69 19.78
C LEU E 175 -51.68 -8.22 20.15
N SER E 176 -52.51 -8.01 19.14
CA SER E 176 -53.90 -7.55 19.33
C SER E 176 -54.83 -8.46 18.54
N SER E 177 -55.49 -9.38 19.22
CA SER E 177 -56.45 -10.28 18.60
C SER E 177 -57.83 -9.64 18.64
N THR E 178 -58.35 -9.26 17.47
CA THR E 178 -59.64 -8.61 17.36
C THR E 178 -60.67 -9.62 16.88
N LEU E 179 -61.70 -9.85 17.70
CA LEU E 179 -62.77 -10.79 17.38
C LEU E 179 -64.00 -10.00 16.98
N THR E 180 -64.41 -10.12 15.71
CA THR E 180 -65.52 -9.36 15.16
C THR E 180 -66.78 -10.23 15.12
N LEU E 181 -67.88 -9.68 15.65
CA LEU E 181 -69.18 -10.35 15.66
C LEU E 181 -70.26 -9.31 15.39
N SER E 182 -71.50 -9.79 15.32
CA SER E 182 -72.65 -8.94 15.03
C SER E 182 -73.44 -8.67 16.31
N LYS E 183 -74.25 -7.60 16.27
CA LYS E 183 -75.07 -7.25 17.42
C LYS E 183 -76.05 -8.36 17.76
N ALA E 184 -76.56 -9.06 16.74
CA ALA E 184 -77.48 -10.17 17.00
C ALA E 184 -76.79 -11.30 17.75
N ASP E 185 -75.61 -11.72 17.27
CA ASP E 185 -74.90 -12.81 17.91
C ASP E 185 -74.26 -12.39 19.23
N TYR E 186 -73.94 -11.11 19.38
CA TYR E 186 -73.27 -10.65 20.60
C TYR E 186 -74.20 -10.72 21.80
N GLU E 187 -75.44 -10.25 21.65
CA GLU E 187 -76.39 -10.24 22.74
C GLU E 187 -76.96 -11.61 23.05
N LYS E 188 -76.55 -12.65 22.32
CA LYS E 188 -77.00 -14.02 22.58
C LYS E 188 -76.03 -14.79 23.45
N HIS E 189 -74.97 -14.16 23.95
CA HIS E 189 -73.99 -14.84 24.79
C HIS E 189 -73.58 -13.93 25.93
N LYS E 190 -73.02 -14.53 26.97
CA LYS E 190 -72.68 -13.81 28.20
C LYS E 190 -71.19 -13.77 28.49
N VAL E 191 -70.47 -14.85 28.24
CA VAL E 191 -69.05 -14.97 28.59
C VAL E 191 -68.21 -14.82 27.33
N TYR E 192 -67.18 -13.98 27.39
CA TYR E 192 -66.23 -13.79 26.30
C TYR E 192 -64.82 -13.88 26.87
N ALA E 193 -64.06 -14.87 26.43
CA ALA E 193 -62.74 -15.15 26.99
C ALA E 193 -61.68 -15.11 25.90
N CYS E 194 -60.44 -14.82 26.31
CA CYS E 194 -59.29 -14.77 25.42
C CYS E 194 -58.19 -15.65 26.00
N GLU E 195 -58.05 -16.86 25.46
CA GLU E 195 -57.01 -17.77 25.92
C GLU E 195 -55.68 -17.40 25.29
N VAL E 196 -54.63 -17.34 26.11
CA VAL E 196 -53.29 -16.95 25.69
C VAL E 196 -52.33 -18.09 26.03
N THR E 197 -51.60 -18.58 25.03
CA THR E 197 -50.60 -19.63 25.21
C THR E 197 -49.25 -19.08 24.76
N HIS E 198 -48.39 -18.77 25.72
CA HIS E 198 -47.07 -18.21 25.45
C HIS E 198 -46.01 -19.04 26.16
N GLN E 199 -44.76 -18.85 25.74
CA GLN E 199 -43.65 -19.59 26.36
C GLN E 199 -43.41 -19.14 27.78
N GLY E 200 -43.54 -17.85 28.06
CA GLY E 200 -43.26 -17.32 29.38
C GLY E 200 -44.41 -17.46 30.36
N LEU E 201 -45.16 -18.56 30.26
CA LEU E 201 -46.29 -18.83 31.14
C LEU E 201 -46.27 -20.30 31.53
N SER E 202 -46.19 -20.57 32.83
CA SER E 202 -46.24 -21.94 33.31
C SER E 202 -47.60 -22.58 33.08
N SER E 203 -48.64 -21.77 32.84
CA SER E 203 -49.98 -22.23 32.54
C SER E 203 -50.69 -21.14 31.74
N PRO E 204 -51.56 -21.52 30.81
CA PRO E 204 -52.25 -20.50 29.99
C PRO E 204 -53.14 -19.61 30.84
N VAL E 205 -53.04 -18.30 30.62
CA VAL E 205 -53.83 -17.31 31.33
C VAL E 205 -54.95 -16.83 30.42
N THR E 206 -56.08 -16.46 31.01
CA THR E 206 -57.24 -16.00 30.25
C THR E 206 -57.97 -14.93 31.05
N LYS E 207 -58.14 -13.76 30.44
CA LYS E 207 -58.89 -12.65 31.03
C LYS E 207 -60.25 -12.56 30.35
N SER E 208 -61.32 -12.79 31.10
CA SER E 208 -62.67 -12.86 30.56
C SER E 208 -63.58 -11.90 31.30
N PHE E 209 -64.49 -11.27 30.57
CA PHE E 209 -65.50 -10.38 31.12
C PHE E 209 -66.89 -10.93 30.83
N ASN E 210 -67.85 -10.52 31.64
CA ASN E 210 -69.25 -10.92 31.49
C ASN E 210 -70.07 -9.74 30.94
N ARG E 211 -71.39 -9.82 31.07
CA ARG E 211 -72.30 -8.75 30.67
C ARG E 211 -72.18 -8.47 29.17
N GLY E 212 -72.70 -9.42 28.38
CA GLY E 212 -72.68 -9.31 26.94
C GLY E 212 -73.98 -9.73 26.28
#